data_6IUY
#
_entry.id   6IUY
#
_cell.length_a   91.335
_cell.length_b   91.335
_cell.length_c   348.319
_cell.angle_alpha   90.000
_cell.angle_beta   90.000
_cell.angle_gamma   90.000
#
_symmetry.space_group_name_H-M   'P 41 2 2'
#
loop_
_entity.id
_entity.type
_entity.pdbx_description
1 polymer 'Glycerol-3-phosphate dehydrogenase [NAD(+)]'
2 non-polymer NICOTINAMIDE-ADENINE-DINUCLEOTIDE
3 non-polymer 1,3-DIHYDROXYACETONEPHOSPHATE
4 non-polymer GLYCEROL
5 non-polymer 'MAGNESIUM ION'
6 water water
#
_entity_poly.entity_id   1
_entity_poly.type   'polypeptide(L)'
_entity_poly.pdbx_seq_one_letter_code
;MHHHHHHSSGVDLGTENLYFQSEPSEQVLDLWQQADAVCFDVDRTVTTDASVGLLAKFMGIEDEAQSLTEQANRGEINLT
KAFEDRLAKLNFTPTDIDRFLEEHPAHTRLVPGVENLIAALKARGVEVFLISGGFREMALPIASHLKIPAKNVFCNTMSW
QLDDHGEPVRLQGLDMTRAAESHFKSRAIERIRRKYPYNNIIMVGDGFSDLEAMQGSPDGADAFICFGGVMQRPAVASQA
DWFVRSYDELMAKLKRYKVTMVGSGAWACTAVRMVAQSTAEAAQLPGSVFEKEVTMWVHEEKHSGRNLIEYINENHENPI
YLPGIDLGENVKATSDLIEAVRGADALIFCAPHQFMHGICKQLAAARVVGRGVKAISLTKGMRVRAEGPQLISQMVSRIL
GIDCSVLMGANIAGDIAKEELSEAVIAYANRESGSLWQQLFQRPYFAINLLADVPGAEMCGTLKNIVAVGAGIGDGLGVG
PNSKASILRQGLSEMRKFCKFISPSVRDDTFFESCGVADLIASSYGGRNRRVAEAWAQKRIAGDDQVTFEKLEKEMLNGQ
KLQGVLTSDEVQEILHARGWELEFPLFTTINRIIHGEVPPTMILRYRVACSMPSMPPARRVVND
;
_entity_poly.pdbx_strand_id   A,B
#
loop_
_chem_comp.id
_chem_comp.type
_chem_comp.name
_chem_comp.formula
13P non-polymer 1,3-DIHYDROXYACETONEPHOSPHATE 'C3 H7 O6 P'
GOL non-polymer GLYCEROL 'C3 H8 O3'
MG non-polymer 'MAGNESIUM ION' 'Mg 2'
NAD non-polymer NICOTINAMIDE-ADENINE-DINUCLEOTIDE 'C21 H27 N7 O14 P2'
#
# COMPACT_ATOMS: atom_id res chain seq x y z
N SER A 22 1.98 56.19 11.80
CA SER A 22 2.48 54.81 11.79
C SER A 22 1.51 53.84 12.49
N GLU A 23 0.68 53.17 11.70
CA GLU A 23 -0.28 52.19 12.22
C GLU A 23 -0.98 51.44 11.09
N PRO A 24 -1.37 50.18 11.35
CA PRO A 24 -1.94 49.20 10.40
C PRO A 24 -3.45 49.33 10.22
N SER A 25 -4.11 48.26 9.78
CA SER A 25 -5.55 48.29 9.51
C SER A 25 -6.18 46.92 9.24
N GLU A 26 -7.11 46.54 10.13
CA GLU A 26 -7.92 45.31 10.08
C GLU A 26 -7.57 44.24 9.03
N GLN A 27 -7.91 44.50 7.77
CA GLN A 27 -7.76 43.46 6.75
C GLN A 27 -6.35 43.45 6.15
N VAL A 28 -5.62 44.55 6.32
CA VAL A 28 -4.22 44.58 5.95
C VAL A 28 -3.42 43.71 6.91
N LEU A 29 -3.61 43.96 8.21
CA LEU A 29 -2.94 43.16 9.24
C LEU A 29 -3.21 41.68 9.01
N ASP A 30 -4.43 41.36 8.60
CA ASP A 30 -4.78 39.99 8.27
C ASP A 30 -3.90 39.46 7.12
N LEU A 31 -3.77 40.27 6.07
CA LEU A 31 -2.97 39.88 4.90
C LEU A 31 -1.50 39.66 5.25
N TRP A 32 -0.99 40.45 6.19
CA TRP A 32 0.37 40.30 6.67
C TRP A 32 0.53 38.98 7.42
N GLN A 33 -0.45 38.69 8.26
CA GLN A 33 -0.39 37.50 9.10
C GLN A 33 -0.67 36.22 8.29
N GLN A 34 -1.49 36.36 7.27
CA GLN A 34 -1.92 35.24 6.46
C GLN A 34 -1.12 35.18 5.16
N ALA A 35 0.04 35.84 5.14
CA ALA A 35 0.81 35.99 3.92
C ALA A 35 1.38 34.66 3.44
N ASP A 36 1.40 34.48 2.12
CA ASP A 36 1.99 33.29 1.52
C ASP A 36 3.37 33.61 1.00
N ALA A 37 3.57 34.87 0.60
CA ALA A 37 4.88 35.35 0.20
C ALA A 37 5.02 36.86 0.45
N VAL A 38 6.20 37.26 0.91
CA VAL A 38 6.57 38.66 1.11
C VAL A 38 7.70 39.04 0.14
N CYS A 39 7.48 40.05 -0.69
CA CYS A 39 8.52 40.52 -1.61
C CYS A 39 9.20 41.80 -1.12
N PHE A 40 10.52 41.78 -1.04
CA PHE A 40 11.24 42.94 -0.52
C PHE A 40 11.98 43.67 -1.64
N ASP A 41 11.83 44.99 -1.67
CA ASP A 41 12.69 45.81 -2.51
C ASP A 41 14.05 45.79 -1.87
N VAL A 42 15.12 45.90 -2.66
CA VAL A 42 16.47 45.93 -2.11
C VAL A 42 16.86 47.31 -1.60
N ASP A 43 16.96 48.26 -2.53
CA ASP A 43 17.44 49.61 -2.24
C ASP A 43 16.60 50.41 -1.24
N ARG A 44 17.17 50.59 -0.05
CA ARG A 44 16.63 51.37 1.05
C ARG A 44 15.47 50.72 1.80
N THR A 45 15.19 49.45 1.51
CA THR A 45 14.27 48.70 2.36
C THR A 45 15.03 47.55 3.03
N VAL A 46 15.89 46.89 2.27
CA VAL A 46 16.75 45.84 2.84
C VAL A 46 18.15 46.35 3.10
N THR A 47 18.64 47.21 2.22
CA THR A 47 19.95 47.82 2.40
C THR A 47 19.84 49.24 2.98
N THR A 48 20.78 49.59 3.84
CA THR A 48 20.88 50.94 4.41
C THR A 48 21.08 51.96 3.30
N ASP A 49 22.08 51.72 2.46
CA ASP A 49 22.46 52.61 1.37
C ASP A 49 21.97 52.09 0.03
N ALA A 50 21.57 53.00 -0.85
CA ALA A 50 21.31 52.63 -2.24
C ALA A 50 22.60 52.12 -2.87
N SER A 51 22.49 51.17 -3.79
CA SER A 51 23.67 50.57 -4.41
C SER A 51 24.37 51.57 -5.32
N VAL A 52 23.59 52.17 -6.22
CA VAL A 52 24.09 53.13 -7.19
C VAL A 52 24.35 54.48 -6.54
N GLY A 53 25.60 54.70 -6.14
CA GLY A 53 25.95 55.85 -5.34
C GLY A 53 26.95 55.39 -4.31
N LEU A 54 26.63 54.27 -3.67
CA LEU A 54 27.60 53.57 -2.85
C LEU A 54 28.69 53.07 -3.79
N LEU A 55 28.26 52.77 -5.01
CA LEU A 55 29.13 52.37 -6.10
C LEU A 55 29.74 53.61 -6.75
N ALA A 56 29.02 54.73 -6.64
CA ALA A 56 29.50 56.03 -7.13
C ALA A 56 30.74 56.46 -6.35
N LYS A 57 30.63 56.46 -5.03
CA LYS A 57 31.83 56.44 -4.20
C LYS A 57 32.57 55.13 -4.50
N PHE A 58 33.87 55.09 -4.24
CA PHE A 58 34.70 53.97 -4.70
C PHE A 58 34.93 54.08 -6.21
N MET A 59 34.02 54.78 -6.90
CA MET A 59 34.17 55.04 -8.33
C MET A 59 34.35 56.53 -8.64
N GLY A 60 34.28 57.35 -7.59
CA GLY A 60 34.48 58.79 -7.70
C GLY A 60 33.69 59.49 -8.80
N ILE A 61 32.41 59.18 -8.90
CA ILE A 61 31.53 59.83 -9.88
C ILE A 61 30.29 60.35 -9.15
N GLU A 62 30.45 60.49 -7.83
CA GLU A 62 29.37 60.86 -6.92
C GLU A 62 28.38 61.89 -7.46
N ASP A 63 28.87 63.08 -7.76
CA ASP A 63 27.97 64.16 -8.17
C ASP A 63 27.43 63.98 -9.58
N GLU A 64 28.18 63.29 -10.44
CA GLU A 64 27.67 62.93 -11.76
C GLU A 64 26.46 62.03 -11.58
N ALA A 65 26.52 61.17 -10.57
CA ALA A 65 25.41 60.28 -10.24
C ALA A 65 24.32 61.05 -9.52
N GLN A 66 24.66 61.66 -8.38
CA GLN A 66 23.69 62.37 -7.55
C GLN A 66 22.96 63.47 -8.32
N SER A 67 23.50 63.80 -9.50
CA SER A 67 22.83 64.69 -10.44
C SER A 67 21.94 63.89 -11.39
N LEU A 68 21.73 62.63 -11.04
CA LEU A 68 20.86 61.75 -11.81
C LEU A 68 19.84 61.09 -10.89
N THR A 69 20.14 61.10 -9.59
CA THR A 69 19.35 60.37 -8.60
C THR A 69 18.24 61.20 -7.96
N GLU A 70 17.43 61.87 -8.77
CA GLU A 70 16.33 62.69 -8.24
C GLU A 70 15.07 62.61 -9.10
N GLN A 71 14.41 63.75 -9.27
CA GLN A 71 13.20 63.85 -10.09
C GLN A 71 13.25 65.05 -11.06
N ALA A 72 14.36 65.78 -11.05
CA ALA A 72 14.66 66.76 -12.10
C ALA A 72 15.43 66.07 -13.23
N ASN A 73 15.99 64.91 -12.90
CA ASN A 73 16.52 63.97 -13.88
C ASN A 73 15.65 62.71 -13.91
N ARG A 74 15.75 61.87 -12.88
CA ARG A 74 14.91 60.67 -12.81
C ARG A 74 13.52 60.96 -12.24
N GLY A 75 12.90 62.05 -12.71
CA GLY A 75 11.54 62.41 -12.33
C GLY A 75 10.66 62.37 -13.56
N GLU A 76 11.33 62.37 -14.70
CA GLU A 76 10.72 62.16 -16.01
C GLU A 76 11.85 61.82 -16.97
N ILE A 77 13.02 62.34 -16.67
CA ILE A 77 14.25 62.09 -17.44
C ILE A 77 14.19 62.63 -18.87
N ASN A 78 14.66 61.80 -19.79
CA ASN A 78 14.46 62.02 -21.22
C ASN A 78 13.93 60.72 -21.82
N LEU A 79 14.56 59.62 -21.44
CA LEU A 79 14.12 58.28 -21.82
C LEU A 79 14.78 57.21 -20.94
N THR A 80 15.45 57.64 -19.87
CA THR A 80 16.23 56.72 -19.02
C THR A 80 16.06 56.95 -17.52
N LYS A 81 16.22 55.88 -16.74
CA LYS A 81 16.20 55.96 -15.28
C LYS A 81 17.61 55.80 -14.72
N ALA A 82 17.74 55.94 -13.40
CA ALA A 82 19.05 55.92 -12.75
C ALA A 82 19.84 54.65 -13.07
N PHE A 83 19.22 53.50 -12.85
CA PHE A 83 19.89 52.21 -13.04
C PHE A 83 20.42 52.06 -14.46
N GLU A 84 19.55 52.28 -15.43
CA GLU A 84 19.91 52.17 -16.85
C GLU A 84 20.98 53.17 -17.24
N ASP A 85 20.97 54.34 -16.59
CA ASP A 85 21.90 55.39 -16.98
C ASP A 85 23.24 55.29 -16.27
N ARG A 86 23.21 55.06 -14.96
CA ARG A 86 24.43 54.83 -14.21
C ARG A 86 25.25 53.71 -14.84
N LEU A 87 24.56 52.75 -15.47
CA LEU A 87 25.24 51.69 -16.20
C LEU A 87 25.98 52.31 -17.39
N ALA A 88 25.27 53.13 -18.16
CA ALA A 88 25.82 53.75 -19.37
C ALA A 88 27.13 54.49 -19.06
N LYS A 89 27.21 55.09 -17.88
CA LYS A 89 28.46 55.71 -17.43
C LYS A 89 29.49 54.63 -17.07
N LEU A 90 30.62 54.59 -17.78
CA LEU A 90 31.61 53.55 -17.50
C LEU A 90 32.98 53.62 -18.22
N ASN A 91 33.26 52.54 -18.96
CA ASN A 91 34.61 52.03 -19.19
C ASN A 91 35.07 51.34 -17.89
N PHE A 92 34.27 50.37 -17.48
CA PHE A 92 34.31 49.73 -16.14
C PHE A 92 34.37 48.20 -16.29
N THR A 93 35.12 47.55 -15.39
CA THR A 93 35.54 46.17 -15.61
C THR A 93 35.17 45.22 -14.45
N PRO A 94 34.92 43.94 -14.76
CA PRO A 94 34.42 42.94 -13.81
C PRO A 94 35.25 42.85 -12.53
N THR A 95 36.56 42.94 -12.67
CA THR A 95 37.44 42.94 -11.50
C THR A 95 37.05 44.09 -10.57
N ASP A 96 36.49 45.16 -11.12
CA ASP A 96 36.00 46.26 -10.29
C ASP A 96 34.75 45.89 -9.48
N ILE A 97 33.78 45.23 -10.12
CA ILE A 97 32.57 44.81 -9.41
C ILE A 97 32.94 43.81 -8.31
N ASP A 98 33.93 42.97 -8.58
CA ASP A 98 34.50 42.08 -7.57
C ASP A 98 35.03 42.85 -6.37
N ARG A 99 35.89 43.84 -6.65
CA ARG A 99 36.48 44.66 -5.61
C ARG A 99 35.41 45.24 -4.71
N PHE A 100 34.45 45.92 -5.32
CA PHE A 100 33.41 46.67 -4.61
C PHE A 100 32.64 45.80 -3.63
N LEU A 101 32.22 44.63 -4.11
CA LEU A 101 31.46 43.68 -3.29
C LEU A 101 32.29 43.21 -2.10
N GLU A 102 33.61 43.34 -2.21
CA GLU A 102 34.47 43.03 -1.09
C GLU A 102 34.55 44.23 -0.14
N GLU A 103 34.76 45.43 -0.67
CA GLU A 103 34.82 46.64 0.15
C GLU A 103 33.52 46.89 0.91
N HIS A 104 32.41 46.48 0.32
CA HIS A 104 31.12 46.59 0.99
C HIS A 104 30.47 45.22 1.09
N PRO A 105 31.04 44.32 1.91
CA PRO A 105 30.50 42.96 2.05
C PRO A 105 29.02 43.02 2.39
N ALA A 106 28.23 42.28 1.63
CA ALA A 106 26.78 42.41 1.73
C ALA A 106 26.26 41.80 3.03
N HIS A 107 26.86 42.23 4.15
CA HIS A 107 26.38 41.88 5.49
C HIS A 107 26.46 43.13 6.35
N THR A 108 27.14 44.13 5.81
CA THR A 108 27.34 45.40 6.47
C THR A 108 26.27 46.37 5.99
N ARG A 109 25.54 45.92 4.98
CA ARG A 109 24.67 46.79 4.21
C ARG A 109 23.22 46.74 4.62
N LEU A 110 22.90 45.89 5.60
CA LEU A 110 21.52 45.56 5.85
C LEU A 110 20.91 46.36 6.99
N VAL A 111 19.71 46.87 6.76
CA VAL A 111 19.00 47.63 7.78
C VAL A 111 18.76 46.74 9.01
N PRO A 112 18.95 47.31 10.21
CA PRO A 112 18.78 46.47 11.40
C PRO A 112 17.38 45.88 11.49
N GLY A 113 17.30 44.65 11.99
CA GLY A 113 16.04 43.97 12.15
C GLY A 113 15.53 43.23 10.91
N VAL A 114 16.16 43.43 9.77
CA VAL A 114 15.61 42.85 8.55
C VAL A 114 16.01 41.38 8.38
N GLU A 115 17.24 41.05 8.79
CA GLU A 115 17.68 39.65 8.81
C GLU A 115 16.79 38.83 9.74
N ASN A 116 16.54 39.34 10.94
CA ASN A 116 15.64 38.66 11.88
C ASN A 116 14.23 38.50 11.31
N LEU A 117 13.75 39.51 10.58
CA LEU A 117 12.42 39.44 10.02
C LEU A 117 12.32 38.40 8.90
N ILE A 118 13.31 38.41 8.00
CA ILE A 118 13.28 37.49 6.88
C ILE A 118 13.45 36.04 7.37
N ALA A 119 14.32 35.83 8.35
CA ALA A 119 14.50 34.50 8.97
C ALA A 119 13.21 33.99 9.57
N ALA A 120 12.49 34.86 10.26
CA ALA A 120 11.23 34.52 10.86
C ALA A 120 10.20 34.08 9.81
N LEU A 121 10.12 34.85 8.72
CA LEU A 121 9.18 34.52 7.65
C LEU A 121 9.50 33.13 7.08
N LYS A 122 10.77 32.87 6.78
CA LYS A 122 11.11 31.60 6.17
C LYS A 122 10.84 30.43 7.15
N ALA A 123 11.06 30.67 8.45
CA ALA A 123 10.89 29.65 9.48
C ALA A 123 9.45 29.17 9.58
N ARG A 124 8.48 30.01 9.21
CA ARG A 124 7.10 29.56 9.18
C ARG A 124 6.56 29.33 7.75
N GLY A 125 7.45 29.07 6.80
CA GLY A 125 7.03 28.71 5.45
C GLY A 125 6.51 29.83 4.57
N VAL A 126 6.65 31.08 4.99
CA VAL A 126 6.35 32.19 4.08
C VAL A 126 7.51 32.30 3.09
N GLU A 127 7.23 32.28 1.79
CA GLU A 127 8.32 32.44 0.81
C GLU A 127 8.69 33.91 0.64
N VAL A 128 9.99 34.16 0.60
CA VAL A 128 10.51 35.51 0.51
C VAL A 128 11.18 35.75 -0.83
N PHE A 129 10.84 36.88 -1.44
CA PHE A 129 11.44 37.31 -2.70
C PHE A 129 12.10 38.69 -2.56
N LEU A 130 13.20 38.86 -3.30
CA LEU A 130 13.71 40.18 -3.59
C LEU A 130 13.23 40.60 -4.99
N ILE A 131 12.66 41.79 -5.10
CA ILE A 131 12.31 42.37 -6.40
C ILE A 131 12.89 43.78 -6.49
N SER A 132 13.81 43.98 -7.44
CA SER A 132 14.59 45.20 -7.51
C SER A 132 14.69 45.72 -8.94
N GLY A 133 14.86 47.03 -9.07
CA GLY A 133 14.99 47.67 -10.36
C GLY A 133 16.45 48.00 -10.58
N GLY A 134 17.27 47.60 -9.62
CA GLY A 134 18.70 47.87 -9.70
C GLY A 134 19.45 46.75 -10.41
N PHE A 135 20.68 46.52 -9.96
CA PHE A 135 21.55 45.55 -10.59
C PHE A 135 21.54 44.20 -9.87
N ARG A 136 21.37 43.13 -10.65
CA ARG A 136 21.39 41.76 -10.12
C ARG A 136 22.69 41.50 -9.39
N GLU A 137 23.80 41.97 -9.96
CA GLU A 137 25.12 41.76 -9.40
C GLU A 137 25.23 42.27 -7.96
N MET A 138 24.27 43.10 -7.56
CA MET A 138 24.27 43.68 -6.22
C MET A 138 23.29 42.96 -5.29
N ALA A 139 22.19 42.47 -5.88
CA ALA A 139 21.13 41.83 -5.10
C ALA A 139 21.48 40.41 -4.72
N LEU A 140 22.36 39.75 -5.48
CA LEU A 140 22.61 38.33 -5.28
C LEU A 140 23.42 38.05 -4.02
N PRO A 141 24.37 38.94 -3.69
CA PRO A 141 25.09 38.70 -2.42
C PRO A 141 24.15 38.92 -1.24
N ILE A 142 23.29 39.92 -1.34
CA ILE A 142 22.30 40.15 -0.31
C ILE A 142 21.35 38.95 -0.23
N ALA A 143 20.95 38.41 -1.37
CA ALA A 143 20.08 37.23 -1.38
C ALA A 143 20.79 36.04 -0.73
N SER A 144 22.05 35.84 -1.11
CA SER A 144 22.84 34.74 -0.56
C SER A 144 22.91 34.80 0.97
N HIS A 145 23.01 36.03 1.49
CA HIS A 145 23.20 36.23 2.91
C HIS A 145 21.91 35.99 3.66
N LEU A 146 20.79 36.35 3.05
CA LEU A 146 19.49 36.17 3.68
C LEU A 146 18.94 34.76 3.43
N LYS A 147 19.75 33.90 2.84
CA LYS A 147 19.30 32.54 2.50
C LYS A 147 18.19 32.58 1.45
N ILE A 148 18.15 33.63 0.64
CA ILE A 148 17.17 33.68 -0.44
C ILE A 148 17.82 33.18 -1.72
N PRO A 149 17.20 32.18 -2.36
CA PRO A 149 17.78 31.60 -3.57
C PRO A 149 17.68 32.58 -4.75
N ALA A 150 18.62 32.45 -5.69
CA ALA A 150 18.63 33.29 -6.88
C ALA A 150 17.31 33.10 -7.64
N LYS A 151 16.70 31.93 -7.47
CA LYS A 151 15.43 31.62 -8.09
C LYS A 151 14.36 32.63 -7.65
N ASN A 152 14.58 33.22 -6.49
CA ASN A 152 13.60 34.13 -5.91
C ASN A 152 13.98 35.62 -6.07
N VAL A 153 15.08 35.87 -6.77
CA VAL A 153 15.53 37.23 -7.00
C VAL A 153 15.10 37.69 -8.37
N PHE A 154 14.17 38.66 -8.43
CA PHE A 154 13.76 39.26 -9.70
C PHE A 154 14.49 40.59 -9.90
N CYS A 155 15.44 40.60 -10.82
CA CYS A 155 16.35 41.74 -10.97
C CYS A 155 17.25 41.59 -12.19
N ASN A 156 17.20 42.55 -13.13
CA ASN A 156 18.04 42.51 -14.33
C ASN A 156 19.52 42.68 -14.05
N THR A 157 20.34 42.01 -14.85
CA THR A 157 21.79 42.14 -14.77
C THR A 157 22.25 43.38 -15.52
N MET A 158 23.47 43.81 -15.25
CA MET A 158 24.13 44.79 -16.12
C MET A 158 24.33 44.08 -17.45
N SER A 159 24.50 44.84 -18.52
CA SER A 159 24.76 44.24 -19.82
C SER A 159 26.25 43.95 -19.97
N TRP A 160 26.63 42.70 -19.79
CA TRP A 160 28.02 42.32 -19.88
C TRP A 160 28.28 41.64 -21.22
N GLN A 161 29.37 42.01 -21.87
CA GLN A 161 29.89 41.18 -22.93
C GLN A 161 30.36 39.90 -22.23
N LEU A 162 30.21 38.74 -22.87
CA LEU A 162 30.45 37.48 -22.15
C LEU A 162 31.55 36.57 -22.70
N ASP A 163 31.72 36.56 -24.02
CA ASP A 163 32.59 35.60 -24.75
C ASP A 163 32.08 34.15 -24.62
N ASP A 164 33.00 33.20 -24.44
CA ASP A 164 32.67 31.77 -24.53
C ASP A 164 32.63 31.05 -23.20
N HIS A 165 32.68 31.81 -22.10
CA HIS A 165 32.31 31.31 -20.77
C HIS A 165 31.44 32.39 -20.06
N GLY A 166 32.07 33.49 -19.64
CA GLY A 166 31.34 34.60 -19.05
C GLY A 166 32.08 35.81 -18.46
N GLU A 167 32.02 36.95 -19.15
CA GLU A 167 32.12 38.29 -18.52
C GLU A 167 33.47 39.07 -18.62
N PRO A 168 33.80 39.60 -19.81
CA PRO A 168 34.94 40.53 -19.96
C PRO A 168 34.64 42.02 -19.72
N VAL A 169 33.73 42.62 -20.46
CA VAL A 169 33.47 44.06 -20.29
C VAL A 169 32.02 44.45 -20.57
N ARG A 170 31.61 45.58 -20.00
CA ARG A 170 30.27 46.10 -20.23
C ARG A 170 30.01 46.23 -21.74
N LEU A 171 28.80 45.86 -22.19
CA LEU A 171 28.42 46.03 -23.59
C LEU A 171 28.11 47.49 -23.89
N SER A 182 8.51 51.75 -16.02
CA SER A 182 7.39 50.93 -16.48
C SER A 182 6.78 50.11 -15.32
N HIS A 183 6.40 48.87 -15.61
CA HIS A 183 5.74 48.02 -14.62
C HIS A 183 6.56 46.78 -14.25
N PHE A 184 7.79 46.98 -13.77
CA PHE A 184 8.69 45.85 -13.58
C PHE A 184 8.28 44.96 -12.40
N LYS A 185 7.84 45.60 -11.31
CA LYS A 185 7.63 44.89 -10.06
C LYS A 185 6.24 44.26 -10.00
N SER A 186 5.24 44.93 -10.56
CA SER A 186 3.92 44.34 -10.63
C SER A 186 3.96 43.13 -11.55
N ARG A 187 4.73 43.22 -12.63
CA ARG A 187 4.86 42.09 -13.56
C ARG A 187 5.60 40.91 -12.93
N ALA A 188 6.66 41.20 -12.20
CA ALA A 188 7.37 40.16 -11.45
C ALA A 188 6.46 39.50 -10.43
N ILE A 189 5.54 40.25 -9.84
CA ILE A 189 4.61 39.65 -8.88
C ILE A 189 3.60 38.78 -9.62
N GLU A 190 3.22 39.19 -10.83
CA GLU A 190 2.30 38.42 -11.66
C GLU A 190 2.88 37.07 -12.08
N ARG A 191 4.19 37.03 -12.29
CA ARG A 191 4.86 35.81 -12.70
C ARG A 191 4.96 34.85 -11.52
N ILE A 192 5.25 35.41 -10.34
CA ILE A 192 5.27 34.66 -9.08
C ILE A 192 3.91 34.01 -8.81
N ARG A 193 2.84 34.76 -9.06
CA ARG A 193 1.49 34.27 -8.78
C ARG A 193 1.12 33.11 -9.70
N ARG A 194 1.67 33.10 -10.90
CA ARG A 194 1.35 32.06 -11.88
C ARG A 194 2.20 30.80 -11.67
N LYS A 195 3.29 30.98 -10.96
CA LYS A 195 4.27 29.92 -10.78
C LYS A 195 4.01 29.13 -9.51
N TYR A 196 3.45 29.80 -8.51
CA TYR A 196 3.29 29.20 -7.19
C TYR A 196 1.84 29.23 -6.73
N PRO A 197 1.50 28.36 -5.78
CA PRO A 197 0.15 28.29 -5.22
C PRO A 197 -0.10 29.39 -4.19
N TYR A 198 0.50 30.56 -4.38
CA TYR A 198 0.41 31.65 -3.40
C TYR A 198 -0.79 32.52 -3.72
N ASN A 199 -1.54 32.91 -2.71
CA ASN A 199 -2.71 33.75 -2.94
C ASN A 199 -2.56 35.14 -2.33
N ASN A 200 -1.98 35.21 -1.14
CA ASN A 200 -1.67 36.49 -0.52
C ASN A 200 -0.19 36.83 -0.64
N ILE A 201 0.11 37.82 -1.49
CA ILE A 201 1.48 38.26 -1.70
C ILE A 201 1.64 39.72 -1.29
N ILE A 202 2.64 40.00 -0.47
CA ILE A 202 2.84 41.32 0.11
C ILE A 202 4.02 41.97 -0.59
N MET A 203 3.93 43.29 -0.83
CA MET A 203 5.11 44.03 -1.30
C MET A 203 5.62 44.96 -0.19
N VAL A 204 6.92 44.87 0.09
CA VAL A 204 7.53 45.75 1.09
C VAL A 204 8.65 46.57 0.43
N GLY A 205 8.52 47.88 0.48
CA GLY A 205 9.50 48.79 -0.12
C GLY A 205 9.34 50.28 0.16
N ASP A 206 10.26 51.08 -0.39
CA ASP A 206 10.28 52.52 -0.16
C ASP A 206 9.84 53.36 -1.38
N GLY A 207 10.25 52.94 -2.57
CA GLY A 207 10.07 53.75 -3.76
C GLY A 207 8.69 53.71 -4.38
N PHE A 208 8.56 54.36 -5.53
CA PHE A 208 7.34 54.33 -6.32
C PHE A 208 7.22 53.03 -7.11
N SER A 209 8.36 52.41 -7.42
CA SER A 209 8.36 51.11 -8.09
C SER A 209 7.66 50.08 -7.22
N ASP A 210 7.74 50.27 -5.91
CA ASP A 210 7.17 49.31 -4.96
C ASP A 210 5.66 49.48 -4.84
N LEU A 211 5.21 50.74 -4.79
CA LEU A 211 3.80 51.05 -4.83
C LEU A 211 3.20 50.50 -6.10
N GLU A 212 3.97 50.59 -7.18
CA GLU A 212 3.53 50.11 -8.48
C GLU A 212 3.21 48.61 -8.42
N ALA A 213 4.01 47.87 -7.63
CA ALA A 213 3.82 46.42 -7.48
C ALA A 213 2.39 46.05 -7.18
N MET A 214 1.68 46.90 -6.45
CA MET A 214 0.26 46.68 -6.15
C MET A 214 -0.70 47.36 -7.13
N GLN A 215 -0.45 48.65 -7.39
CA GLN A 215 -1.35 49.48 -8.20
C GLN A 215 -1.39 49.13 -9.69
N GLY A 216 -0.24 48.75 -10.25
CA GLY A 216 -0.20 48.30 -11.64
C GLY A 216 -0.76 46.90 -11.72
N SER A 217 -1.88 46.74 -12.41
CA SER A 217 -2.50 45.43 -12.58
C SER A 217 -3.13 44.87 -11.30
N PRO A 218 -4.18 44.06 -11.47
CA PRO A 218 -4.96 43.43 -10.41
C PRO A 218 -4.32 42.17 -9.85
N ASP A 219 -3.45 41.52 -10.62
CA ASP A 219 -2.79 40.30 -10.13
C ASP A 219 -1.48 40.66 -9.45
N GLY A 220 -1.31 41.93 -9.11
CA GLY A 220 -0.14 42.40 -8.39
C GLY A 220 -0.19 42.08 -6.90
N ALA A 221 0.61 42.78 -6.11
CA ALA A 221 0.61 42.56 -4.66
C ALA A 221 -0.76 42.84 -4.06
N ASP A 222 -1.08 42.14 -2.97
CA ASP A 222 -2.37 42.30 -2.32
C ASP A 222 -2.30 43.43 -1.31
N ALA A 223 -1.07 43.76 -0.92
CA ALA A 223 -0.87 44.89 -0.04
C ALA A 223 0.56 45.43 -0.16
N PHE A 224 0.69 46.75 -0.04
CA PHE A 224 1.98 47.39 -0.03
C PHE A 224 2.23 47.98 1.34
N ILE A 225 3.33 47.53 1.95
CA ILE A 225 3.81 48.09 3.19
C ILE A 225 5.01 48.97 2.86
N CYS A 226 4.91 50.25 3.18
CA CYS A 226 6.01 51.16 2.88
C CYS A 226 6.97 51.24 4.05
N PHE A 227 8.24 50.98 3.77
CA PHE A 227 9.27 51.05 4.80
C PHE A 227 10.10 52.33 4.68
N GLY A 228 9.81 53.29 5.54
CA GLY A 228 10.51 54.57 5.55
C GLY A 228 11.58 54.64 6.63
N GLY A 229 12.15 53.50 6.99
CA GLY A 229 13.20 53.46 7.98
C GLY A 229 14.44 54.19 7.52
N VAL A 230 14.71 54.11 6.22
CA VAL A 230 15.88 54.78 5.63
C VAL A 230 15.50 56.10 4.97
N MET A 231 14.65 56.04 3.94
CA MET A 231 14.11 57.23 3.31
C MET A 231 12.57 57.19 3.39
N GLN A 232 11.98 58.30 3.80
CA GLN A 232 10.53 58.33 4.06
C GLN A 232 9.73 58.40 2.77
N ARG A 233 9.83 59.51 2.05
CA ARG A 233 9.11 59.71 0.80
C ARG A 233 7.61 59.80 1.02
N PRO A 234 7.15 60.96 1.54
CA PRO A 234 5.75 61.24 1.88
C PRO A 234 4.75 60.88 0.78
N ALA A 235 5.13 60.98 -0.49
CA ALA A 235 4.17 60.77 -1.57
C ALA A 235 3.88 59.29 -1.78
N VAL A 236 4.89 58.45 -1.60
CA VAL A 236 4.70 57.01 -1.72
C VAL A 236 4.14 56.41 -0.42
N ALA A 237 4.54 56.98 0.71
CA ALA A 237 4.02 56.54 2.01
C ALA A 237 2.51 56.71 2.11
N SER A 238 1.98 57.73 1.41
CA SER A 238 0.58 58.13 1.52
C SER A 238 -0.39 57.12 0.95
N GLN A 239 -0.05 56.51 -0.18
CA GLN A 239 -0.92 55.49 -0.78
C GLN A 239 -0.57 54.08 -0.28
N ALA A 240 0.40 53.98 0.63
CA ALA A 240 0.79 52.69 1.19
C ALA A 240 -0.31 52.14 2.09
N ASP A 241 -0.39 50.81 2.15
CA ASP A 241 -1.36 50.12 2.98
C ASP A 241 -0.96 50.11 4.43
N TRP A 242 0.29 50.47 4.69
CA TRP A 242 0.83 50.40 6.04
C TRP A 242 2.22 51.03 6.00
N PHE A 243 2.46 52.04 6.83
CA PHE A 243 3.75 52.70 6.87
C PHE A 243 4.49 52.35 8.15
N VAL A 244 5.73 51.90 8.02
CA VAL A 244 6.50 51.51 9.19
C VAL A 244 7.89 52.11 9.16
N ARG A 245 8.47 52.29 10.35
CA ARG A 245 9.78 52.90 10.49
C ARG A 245 10.81 51.88 10.96
N SER A 246 10.35 50.92 11.74
CA SER A 246 11.18 49.82 12.21
C SER A 246 10.66 48.46 11.73
N TYR A 247 11.56 47.49 11.58
CA TYR A 247 11.13 46.16 11.19
C TYR A 247 10.55 45.39 12.37
N ASP A 248 10.84 45.83 13.60
CA ASP A 248 10.25 45.16 14.74
C ASP A 248 8.78 45.58 14.86
N GLU A 249 8.36 46.49 13.98
CA GLU A 249 6.95 46.83 13.87
C GLU A 249 6.23 45.73 13.09
N LEU A 250 6.89 45.23 12.04
CA LEU A 250 6.35 44.14 11.24
C LEU A 250 6.46 42.81 11.98
N MET A 251 7.62 42.57 12.56
CA MET A 251 7.90 41.37 13.33
C MET A 251 6.85 41.10 14.39
N ALA A 252 6.51 42.14 15.16
CA ALA A 252 5.62 42.00 16.29
C ALA A 252 4.14 41.90 15.88
N LYS A 253 3.86 41.98 14.58
CA LYS A 253 2.50 41.77 14.12
C LYS A 253 2.38 40.41 13.43
N LEU A 254 3.52 39.70 13.33
CA LEU A 254 3.51 38.30 12.89
C LEU A 254 2.68 37.46 13.84
N LYS A 255 1.77 36.64 13.31
CA LYS A 255 0.97 35.78 14.19
C LYS A 255 1.88 34.81 14.96
N ARG A 256 1.59 34.64 16.25
CA ARG A 256 2.26 33.65 17.08
C ARG A 256 1.20 32.72 17.64
N TYR A 257 1.23 31.46 17.23
CA TYR A 257 0.16 30.52 17.54
C TYR A 257 0.25 30.04 18.98
N LYS A 258 -0.85 30.12 19.72
CA LYS A 258 -0.93 29.46 21.04
C LYS A 258 -1.50 28.06 20.82
N VAL A 259 -0.86 27.04 21.38
CA VAL A 259 -1.29 25.67 21.14
C VAL A 259 -2.01 25.09 22.34
N THR A 260 -3.16 24.47 22.10
CA THR A 260 -3.86 23.74 23.15
C THR A 260 -4.13 22.29 22.73
N MET A 261 -3.65 21.36 23.54
CA MET A 261 -3.97 19.94 23.42
C MET A 261 -5.27 19.66 24.16
N VAL A 262 -6.28 19.17 23.43
CA VAL A 262 -7.54 18.78 24.05
C VAL A 262 -7.54 17.26 24.26
N GLY A 263 -7.09 16.83 25.43
CA GLY A 263 -7.06 15.42 25.81
C GLY A 263 -5.80 15.24 26.59
N SER A 264 -5.72 14.21 27.43
CA SER A 264 -4.53 14.02 28.24
C SER A 264 -4.22 12.54 28.51
N GLY A 265 -4.58 11.68 27.58
CA GLY A 265 -4.33 10.27 27.77
C GLY A 265 -2.92 9.92 27.36
N ALA A 266 -2.69 8.62 27.15
CA ALA A 266 -1.37 8.12 26.85
C ALA A 266 -0.79 8.81 25.61
N TRP A 267 -1.55 8.82 24.53
CA TRP A 267 -1.10 9.38 23.25
C TRP A 267 -1.19 10.91 23.28
N ALA A 268 -2.24 11.42 23.89
CA ALA A 268 -2.33 12.87 24.06
C ALA A 268 -1.08 13.39 24.74
N CYS A 269 -0.66 12.77 25.85
CA CYS A 269 0.53 13.24 26.56
C CYS A 269 1.84 13.04 25.79
N THR A 270 1.98 11.95 25.03
CA THR A 270 3.29 11.81 24.40
C THR A 270 3.26 12.75 23.20
N ALA A 271 2.08 12.98 22.64
CA ALA A 271 1.94 13.99 21.62
C ALA A 271 2.30 15.40 22.15
N VAL A 272 1.68 15.82 23.26
CA VAL A 272 1.97 17.16 23.81
C VAL A 272 3.43 17.30 24.15
N ARG A 273 4.08 16.18 24.47
CA ARG A 273 5.50 16.20 24.81
C ARG A 273 6.36 16.57 23.60
N MET A 274 5.98 16.03 22.44
CA MET A 274 6.68 16.31 21.19
C MET A 274 6.39 17.73 20.72
N VAL A 275 5.12 18.08 20.76
CA VAL A 275 4.63 19.42 20.44
C VAL A 275 5.27 20.48 21.33
N ALA A 276 5.40 20.18 22.61
CA ALA A 276 6.07 21.10 23.52
C ALA A 276 7.55 21.28 23.18
N GLN A 277 8.22 20.22 22.73
CA GLN A 277 9.64 20.34 22.33
C GLN A 277 9.82 21.28 21.15
N SER A 278 8.90 21.21 20.18
CA SER A 278 8.94 22.08 19.01
C SER A 278 8.75 23.58 19.35
N THR A 279 7.77 23.91 20.17
CA THR A 279 7.53 25.30 20.54
C THR A 279 8.66 25.85 21.38
N ALA A 280 9.23 25.01 22.24
CA ALA A 280 10.37 25.46 23.00
C ALA A 280 11.52 25.81 22.05
N GLU A 281 11.64 25.08 20.96
CA GLU A 281 12.68 25.36 19.96
C GLU A 281 12.35 26.65 19.21
N ALA A 282 11.10 26.78 18.78
CA ALA A 282 10.69 27.94 17.99
C ALA A 282 10.81 29.26 18.79
N ALA A 283 10.62 29.20 20.10
CA ALA A 283 10.62 30.44 20.89
C ALA A 283 12.02 30.95 21.17
N GLN A 284 13.04 30.15 20.91
CA GLN A 284 14.44 30.57 21.05
C GLN A 284 14.92 31.49 19.93
N LEU A 285 14.02 31.76 18.98
CA LEU A 285 14.31 32.65 17.86
C LEU A 285 13.32 33.79 17.87
N PRO A 286 13.71 34.95 17.31
CA PRO A 286 12.94 36.19 17.39
C PRO A 286 11.46 36.10 16.95
N GLY A 287 11.18 35.68 15.73
CA GLY A 287 9.80 35.75 15.27
C GLY A 287 9.02 34.45 15.39
N SER A 288 9.16 33.75 16.51
CA SER A 288 8.60 32.41 16.68
C SER A 288 7.15 32.29 16.24
N VAL A 289 6.84 31.26 15.46
CA VAL A 289 5.46 31.05 15.06
C VAL A 289 4.60 30.43 16.17
N PHE A 290 5.22 29.98 17.28
CA PHE A 290 4.45 29.38 18.39
C PHE A 290 4.71 30.03 19.76
N GLU A 291 3.64 30.15 20.55
CA GLU A 291 3.78 30.43 21.99
C GLU A 291 4.59 29.31 22.62
N LYS A 292 5.48 29.64 23.55
CA LYS A 292 6.32 28.63 24.17
C LYS A 292 5.50 27.63 24.97
N GLU A 293 4.50 28.15 25.66
CA GLU A 293 3.70 27.32 26.53
C GLU A 293 2.53 26.62 25.84
N VAL A 294 2.42 25.31 26.08
CA VAL A 294 1.33 24.54 25.50
C VAL A 294 0.33 24.21 26.58
N THR A 295 -0.95 24.44 26.31
CA THR A 295 -1.95 24.17 27.33
C THR A 295 -2.51 22.79 27.06
N MET A 296 -2.72 22.01 28.13
CA MET A 296 -3.35 20.70 27.95
C MET A 296 -4.57 20.60 28.82
N TRP A 297 -5.75 20.45 28.20
CA TRP A 297 -6.95 20.11 28.96
C TRP A 297 -6.90 18.68 29.48
N VAL A 298 -7.05 18.57 30.79
CA VAL A 298 -7.08 17.30 31.49
C VAL A 298 -8.45 17.08 32.11
N HIS A 299 -9.23 16.17 31.55
CA HIS A 299 -10.53 15.82 32.11
C HIS A 299 -10.37 15.45 33.58
N GLU A 300 -11.22 16.01 34.44
CA GLU A 300 -11.13 15.71 35.87
C GLU A 300 -11.86 14.43 36.16
N GLU A 301 -11.19 13.50 36.84
CA GLU A 301 -11.83 12.24 37.21
C GLU A 301 -12.09 12.24 38.71
N LYS A 302 -13.21 11.63 39.10
CA LYS A 302 -13.67 11.60 40.49
C LYS A 302 -12.64 11.08 41.47
N HIS A 303 -11.85 10.08 41.06
CA HIS A 303 -10.95 9.44 42.01
C HIS A 303 -9.64 10.18 42.17
N SER A 304 -9.44 11.23 41.39
CA SER A 304 -8.23 12.01 41.61
C SER A 304 -8.52 13.51 41.69
N GLY A 305 -9.64 13.94 41.16
CA GLY A 305 -10.02 15.35 41.29
C GLY A 305 -8.94 16.29 40.78
N ARG A 306 -8.70 17.34 41.56
CA ARG A 306 -7.83 18.44 41.21
C ARG A 306 -6.37 18.10 41.37
N ASN A 307 -6.10 17.08 42.15
CA ASN A 307 -4.73 16.72 42.47
C ASN A 307 -3.91 16.26 41.24
N LEU A 308 -4.60 15.71 40.26
CA LEU A 308 -3.94 15.26 39.03
C LEU A 308 -3.32 16.41 38.27
N ILE A 309 -4.16 17.42 38.04
CA ILE A 309 -3.78 18.63 37.32
C ILE A 309 -2.59 19.26 38.01
N GLU A 310 -2.66 19.37 39.35
CA GLU A 310 -1.60 19.99 40.14
C GLU A 310 -0.32 19.18 40.11
N TYR A 311 -0.44 17.87 40.00
CA TYR A 311 0.74 17.02 39.93
C TYR A 311 1.41 17.27 38.57
N ILE A 312 0.60 17.33 37.52
CA ILE A 312 1.14 17.53 36.18
C ILE A 312 1.89 18.84 36.09
N ASN A 313 1.31 19.92 36.63
CA ASN A 313 1.95 21.23 36.59
C ASN A 313 3.18 21.35 37.47
N GLU A 314 3.16 20.67 38.61
CA GLU A 314 4.34 20.69 39.49
C GLU A 314 5.45 19.72 39.07
N ASN A 315 5.08 18.57 38.51
CA ASN A 315 6.09 17.57 38.23
C ASN A 315 6.29 17.28 36.74
N HIS A 316 5.42 17.83 35.89
CA HIS A 316 5.52 17.66 34.44
C HIS A 316 5.46 16.19 34.05
N GLU A 317 4.46 15.51 34.58
CA GLU A 317 4.30 14.08 34.36
C GLU A 317 2.83 13.77 34.56
N ASN A 318 2.25 13.02 33.64
CA ASN A 318 0.96 12.43 33.91
C ASN A 318 1.23 11.05 34.50
N PRO A 319 1.08 10.90 35.83
CA PRO A 319 1.58 9.67 36.45
C PRO A 319 0.59 8.54 36.31
N ILE A 320 -0.57 8.82 35.76
CA ILE A 320 -1.60 7.80 35.59
C ILE A 320 -1.60 7.20 34.19
N TYR A 321 -1.43 8.05 33.18
CA TYR A 321 -1.61 7.65 31.81
C TYR A 321 -0.31 7.63 31.03
N LEU A 322 0.74 8.25 31.58
CA LEU A 322 2.07 8.17 30.96
C LEU A 322 3.15 8.28 32.01
N PRO A 323 3.17 7.33 32.96
CA PRO A 323 4.11 7.36 34.10
C PRO A 323 5.57 7.28 33.70
N GLY A 324 6.41 8.03 34.42
CA GLY A 324 7.83 8.01 34.20
C GLY A 324 8.29 8.89 33.05
N ILE A 325 7.35 9.50 32.33
CA ILE A 325 7.71 10.34 31.21
C ILE A 325 7.58 11.83 31.55
N ASP A 326 8.67 12.55 31.28
CA ASP A 326 8.73 13.98 31.52
C ASP A 326 8.10 14.72 30.34
N LEU A 327 6.89 15.25 30.53
CA LEU A 327 6.36 16.21 29.57
C LEU A 327 7.21 17.41 29.89
N GLY A 328 7.61 18.21 28.93
CA GLY A 328 8.57 19.27 29.27
C GLY A 328 8.14 20.29 30.34
N GLU A 329 8.98 21.27 30.58
CA GLU A 329 8.62 22.31 31.55
C GLU A 329 7.68 23.38 31.00
N ASN A 330 7.36 23.32 29.71
CA ASN A 330 6.49 24.33 29.11
C ASN A 330 5.09 23.80 28.81
N VAL A 331 4.65 22.81 29.59
CA VAL A 331 3.32 22.23 29.42
C VAL A 331 2.47 22.64 30.60
N LYS A 332 1.28 23.18 30.34
CA LYS A 332 0.47 23.71 31.44
C LYS A 332 -0.90 23.07 31.40
N ALA A 333 -1.24 22.37 32.46
CA ALA A 333 -2.46 21.59 32.52
C ALA A 333 -3.59 22.36 33.18
N THR A 334 -4.78 22.23 32.63
CA THR A 334 -5.96 22.72 33.32
C THR A 334 -7.15 21.84 33.05
N SER A 335 -8.07 21.81 33.99
CA SER A 335 -9.25 20.95 33.92
C SER A 335 -10.43 21.65 33.32
N ASP A 336 -10.31 22.94 33.03
CA ASP A 336 -11.45 23.64 32.44
C ASP A 336 -11.32 23.70 30.93
N LEU A 337 -12.28 23.13 30.24
CA LEU A 337 -12.18 22.92 28.81
C LEU A 337 -12.26 24.23 28.04
N ILE A 338 -13.19 25.10 28.45
CA ILE A 338 -13.34 26.40 27.83
C ILE A 338 -12.09 27.25 28.01
N GLU A 339 -11.58 27.27 29.23
CA GLU A 339 -10.42 28.08 29.50
C GLU A 339 -9.20 27.58 28.75
N ALA A 340 -9.08 26.25 28.61
CA ALA A 340 -7.95 25.66 27.89
C ALA A 340 -7.93 26.11 26.43
N VAL A 341 -9.13 26.22 25.88
CA VAL A 341 -9.31 26.48 24.46
C VAL A 341 -9.37 27.97 24.09
N ARG A 342 -9.76 28.83 25.03
CA ARG A 342 -10.16 30.18 24.62
C ARG A 342 -9.03 30.92 23.90
N GLY A 343 -7.82 30.92 24.45
CA GLY A 343 -6.80 31.72 23.77
C GLY A 343 -6.15 31.06 22.55
N ALA A 344 -6.64 29.88 22.15
CA ALA A 344 -5.86 28.98 21.30
C ALA A 344 -6.05 29.25 19.82
N ASP A 345 -4.92 29.34 19.11
CA ASP A 345 -4.91 29.48 17.65
C ASP A 345 -4.78 28.11 16.97
N ALA A 346 -4.13 27.19 17.67
CA ALA A 346 -3.87 25.85 17.16
C ALA A 346 -4.46 24.82 18.12
N LEU A 347 -5.53 24.15 17.71
CA LEU A 347 -6.16 23.13 18.54
C LEU A 347 -5.82 21.71 18.10
N ILE A 348 -5.29 20.91 19.01
CA ILE A 348 -5.05 19.50 18.79
C ILE A 348 -6.14 18.70 19.52
N PHE A 349 -6.92 17.93 18.77
CA PHE A 349 -7.92 17.09 19.37
C PHE A 349 -7.37 15.66 19.50
N CYS A 350 -7.23 15.18 20.74
CA CYS A 350 -6.70 13.84 21.03
C CYS A 350 -7.35 13.23 22.28
N ALA A 351 -8.62 12.83 22.18
CA ALA A 351 -9.31 12.22 23.30
C ALA A 351 -9.99 10.97 22.80
N PRO A 352 -10.19 9.96 23.65
CA PRO A 352 -10.90 8.75 23.22
C PRO A 352 -12.18 9.11 22.51
N HIS A 353 -12.46 8.49 21.37
CA HIS A 353 -13.44 9.08 20.46
C HIS A 353 -14.88 9.10 20.95
N GLN A 354 -15.23 8.30 21.95
CA GLN A 354 -16.63 8.33 22.41
C GLN A 354 -16.98 9.65 23.11
N PHE A 355 -15.96 10.42 23.47
CA PHE A 355 -16.13 11.66 24.23
C PHE A 355 -16.18 12.87 23.31
N MET A 356 -15.82 12.66 22.04
CA MET A 356 -15.49 13.78 21.17
C MET A 356 -16.70 14.60 20.79
N HIS A 357 -17.83 13.91 20.59
CA HIS A 357 -19.05 14.61 20.21
C HIS A 357 -19.46 15.60 21.31
N GLY A 358 -19.47 15.14 22.56
CA GLY A 358 -19.82 15.98 23.69
C GLY A 358 -18.86 17.14 23.85
N ILE A 359 -17.57 16.89 23.63
CA ILE A 359 -16.55 17.91 23.74
C ILE A 359 -16.76 19.00 22.68
N CYS A 360 -17.07 18.61 21.44
CA CYS A 360 -17.31 19.59 20.39
C CYS A 360 -18.59 20.39 20.69
N LYS A 361 -19.65 19.71 21.14
CA LYS A 361 -20.89 20.40 21.50
C LYS A 361 -20.66 21.46 22.61
N GLN A 362 -19.84 21.14 23.61
CA GLN A 362 -19.52 22.09 24.68
C GLN A 362 -18.80 23.31 24.12
N LEU A 363 -17.78 23.08 23.28
CA LEU A 363 -17.02 24.18 22.71
C LEU A 363 -17.85 25.07 21.78
N ALA A 364 -18.81 24.48 21.08
CA ALA A 364 -19.70 25.21 20.18
C ALA A 364 -20.56 26.21 20.97
N ALA A 365 -21.35 25.65 21.88
CA ALA A 365 -22.16 26.39 22.85
C ALA A 365 -21.42 27.55 23.50
N ALA A 366 -20.15 27.37 23.84
CA ALA A 366 -19.36 28.45 24.46
C ALA A 366 -18.92 29.52 23.47
N ARG A 367 -18.97 29.22 22.17
CA ARG A 367 -18.59 30.18 21.15
C ARG A 367 -17.18 30.67 21.35
N VAL A 368 -16.32 29.77 21.79
CA VAL A 368 -14.97 30.13 22.16
C VAL A 368 -13.98 29.81 21.04
N VAL A 369 -14.43 29.08 20.02
CA VAL A 369 -13.54 28.73 18.91
C VAL A 369 -13.71 29.71 17.74
N GLY A 370 -12.82 30.69 17.63
CA GLY A 370 -12.81 31.61 16.50
C GLY A 370 -12.70 30.86 15.17
N ARG A 371 -13.28 31.40 14.10
CA ARG A 371 -13.35 30.64 12.85
C ARG A 371 -12.03 30.59 12.10
N GLY A 372 -11.04 31.34 12.57
CA GLY A 372 -9.70 31.28 12.00
C GLY A 372 -8.78 30.30 12.71
N VAL A 373 -9.31 29.55 13.68
CA VAL A 373 -8.49 28.60 14.42
C VAL A 373 -8.13 27.39 13.57
N LYS A 374 -6.89 26.92 13.66
CA LYS A 374 -6.49 25.71 12.95
C LYS A 374 -6.72 24.52 13.90
N ALA A 375 -7.32 23.44 13.39
CA ALA A 375 -7.50 22.24 14.20
C ALA A 375 -6.76 21.04 13.59
N ILE A 376 -6.33 20.12 14.43
CA ILE A 376 -5.91 18.80 13.95
C ILE A 376 -6.39 17.74 14.90
N SER A 377 -6.75 16.58 14.36
CA SER A 377 -7.25 15.47 15.17
C SER A 377 -6.28 14.30 15.12
N LEU A 378 -6.00 13.74 16.29
CA LEU A 378 -5.16 12.57 16.43
C LEU A 378 -6.03 11.35 16.76
N THR A 379 -7.35 11.57 16.76
CA THR A 379 -8.29 10.61 17.33
C THR A 379 -8.82 9.55 16.36
N LYS A 380 -8.99 8.33 16.84
CA LYS A 380 -9.43 7.22 16.00
C LYS A 380 -10.75 6.67 16.52
N GLY A 381 -11.70 6.54 15.62
CA GLY A 381 -13.06 6.24 16.00
C GLY A 381 -13.98 7.12 15.17
N MET A 382 -15.26 6.83 15.20
CA MET A 382 -16.21 7.60 14.42
C MET A 382 -17.54 7.72 15.14
N ARG A 383 -18.36 8.65 14.68
CA ARG A 383 -19.75 8.67 15.12
C ARG A 383 -20.61 8.24 13.96
N VAL A 384 -21.66 7.48 14.25
CA VAL A 384 -22.61 7.16 13.20
C VAL A 384 -23.66 8.25 13.10
N ARG A 385 -23.79 8.81 11.91
CA ARG A 385 -24.72 9.91 11.67
C ARG A 385 -25.42 9.72 10.33
N ALA A 386 -26.73 9.93 10.29
CA ALA A 386 -27.50 9.77 9.06
C ALA A 386 -27.13 8.48 8.35
N GLU A 387 -27.12 7.38 9.09
CA GLU A 387 -26.71 6.07 8.56
C GLU A 387 -25.34 6.09 7.86
N GLY A 388 -24.49 7.04 8.23
CA GLY A 388 -23.17 7.15 7.64
C GLY A 388 -22.04 7.38 8.64
N PRO A 389 -20.80 7.23 8.20
CA PRO A 389 -19.65 7.51 9.07
C PRO A 389 -19.36 8.99 9.22
N GLN A 390 -19.20 9.47 10.45
CA GLN A 390 -18.66 10.80 10.68
C GLN A 390 -17.35 10.65 11.44
N LEU A 391 -16.22 10.92 10.79
CA LEU A 391 -14.93 10.80 11.46
C LEU A 391 -14.69 12.06 12.30
N ILE A 392 -13.70 12.02 13.18
CA ILE A 392 -13.54 13.15 14.08
C ILE A 392 -13.31 14.46 13.32
N SER A 393 -12.53 14.40 12.23
CA SER A 393 -12.22 15.63 11.52
C SER A 393 -13.49 16.20 10.86
N GLN A 394 -14.42 15.34 10.46
CA GLN A 394 -15.66 15.83 9.88
C GLN A 394 -16.55 16.38 10.99
N MET A 395 -16.39 15.84 12.19
CA MET A 395 -17.18 16.26 13.34
C MET A 395 -16.76 17.66 13.77
N VAL A 396 -15.46 17.92 13.73
CA VAL A 396 -14.93 19.20 14.15
C VAL A 396 -15.34 20.30 13.18
N SER A 397 -15.26 20.00 11.89
CA SER A 397 -15.63 20.96 10.86
C SER A 397 -17.10 21.32 10.94
N ARG A 398 -17.96 20.30 10.99
CA ARG A 398 -19.38 20.55 11.00
C ARG A 398 -19.85 21.31 12.25
N ILE A 399 -19.33 20.97 13.42
CA ILE A 399 -19.85 21.51 14.66
C ILE A 399 -19.16 22.81 15.08
N LEU A 400 -17.87 22.92 14.82
CA LEU A 400 -17.10 24.08 15.20
C LEU A 400 -16.83 25.01 14.04
N GLY A 401 -17.12 24.56 12.82
CA GLY A 401 -16.99 25.41 11.63
C GLY A 401 -15.57 25.76 11.24
N ILE A 402 -14.62 24.93 11.65
CA ILE A 402 -13.24 25.14 11.26
C ILE A 402 -12.70 23.94 10.49
N ASP A 403 -11.63 24.17 9.74
CA ASP A 403 -11.02 23.10 8.98
C ASP A 403 -10.16 22.24 9.90
N CYS A 404 -10.14 20.94 9.63
CA CYS A 404 -9.46 20.02 10.55
C CYS A 404 -8.59 19.00 9.81
N SER A 405 -7.29 19.09 10.02
CA SER A 405 -6.35 18.10 9.52
C SER A 405 -6.38 16.85 10.41
N VAL A 406 -5.59 15.82 10.05
CA VAL A 406 -5.39 14.66 10.91
C VAL A 406 -3.93 14.25 10.97
N LEU A 407 -3.56 13.58 12.04
CA LEU A 407 -2.25 12.98 12.14
C LEU A 407 -2.51 11.51 12.40
N MET A 408 -2.12 10.66 11.45
CA MET A 408 -2.36 9.21 11.54
C MET A 408 -1.10 8.46 11.18
N GLY A 409 -0.72 7.49 12.00
CA GLY A 409 0.50 6.73 11.76
C GLY A 409 0.60 5.54 12.68
N ALA A 410 1.61 4.70 12.46
CA ALA A 410 1.86 3.57 13.35
C ALA A 410 2.51 4.12 14.61
N ASN A 411 1.68 4.43 15.61
CA ASN A 411 2.14 5.26 16.72
C ASN A 411 1.84 4.78 18.14
N ILE A 412 2.11 3.52 18.48
CA ILE A 412 1.98 3.11 19.88
C ILE A 412 2.68 4.11 20.84
N ALA A 413 1.93 4.74 21.74
CA ALA A 413 2.40 5.93 22.47
C ALA A 413 3.66 5.72 23.30
N GLY A 414 3.65 4.67 24.13
CA GLY A 414 4.68 4.48 25.13
C GLY A 414 6.08 4.53 24.55
N ASP A 415 6.23 3.95 23.36
CA ASP A 415 7.52 3.90 22.67
C ASP A 415 7.97 5.24 22.07
N ILE A 416 7.04 5.97 21.51
CA ILE A 416 7.32 7.31 21.02
C ILE A 416 7.64 8.25 22.18
N ALA A 417 6.97 8.04 23.32
CA ALA A 417 7.26 8.84 24.51
C ALA A 417 8.69 8.61 24.98
N LYS A 418 9.28 7.50 24.57
CA LYS A 418 10.66 7.19 24.93
C LYS A 418 11.59 7.56 23.79
N GLU A 419 11.01 8.17 22.76
CA GLU A 419 11.77 8.68 21.62
C GLU A 419 12.38 7.59 20.74
N GLU A 420 11.76 6.41 20.72
CA GLU A 420 12.09 5.40 19.72
C GLU A 420 11.64 5.91 18.35
N LEU A 421 12.43 5.66 17.32
CA LEU A 421 12.17 6.23 16.00
C LEU A 421 10.85 5.78 15.47
N SER A 422 10.07 6.72 14.98
CA SER A 422 8.72 6.45 14.52
C SER A 422 8.35 7.42 13.43
N GLU A 423 7.16 7.28 12.86
CA GLU A 423 6.77 8.16 11.77
C GLU A 423 5.25 8.27 11.73
N ALA A 424 4.76 9.32 11.06
CA ALA A 424 3.33 9.47 10.91
C ALA A 424 3.02 10.28 9.67
N VAL A 425 1.80 10.14 9.19
CA VAL A 425 1.27 10.98 8.13
C VAL A 425 0.51 12.15 8.76
N ILE A 426 0.70 13.36 8.23
CA ILE A 426 -0.25 14.43 8.53
C ILE A 426 -1.01 14.76 7.27
N ALA A 427 -2.32 14.53 7.28
CA ALA A 427 -3.14 14.84 6.14
C ALA A 427 -3.79 16.19 6.35
N TYR A 428 -3.40 17.17 5.54
CA TYR A 428 -3.78 18.57 5.77
C TYR A 428 -5.08 18.94 5.10
N ALA A 429 -5.82 19.85 5.76
CA ALA A 429 -7.09 20.33 5.25
C ALA A 429 -6.84 21.22 4.04
N ASN A 430 -5.75 21.97 4.12
CA ASN A 430 -5.25 22.79 3.05
C ASN A 430 -3.76 22.92 3.27
N ARG A 431 -3.01 23.35 2.26
CA ARG A 431 -1.55 23.30 2.30
C ARG A 431 -0.90 24.19 3.35
N GLU A 432 -1.56 25.28 3.71
CA GLU A 432 -0.98 26.20 4.69
C GLU A 432 -0.93 25.52 6.05
N SER A 433 -2.00 24.82 6.40
CA SER A 433 -2.08 24.09 7.66
C SER A 433 -0.93 23.08 7.76
N GLY A 434 -0.76 22.28 6.70
CA GLY A 434 0.23 21.22 6.69
C GLY A 434 1.58 21.68 7.14
N SER A 435 2.00 22.83 6.66
CA SER A 435 3.28 23.40 7.02
C SER A 435 3.41 23.71 8.54
N LEU A 436 2.37 24.31 9.10
CA LEU A 436 2.30 24.61 10.52
C LEU A 436 2.36 23.31 11.36
N TRP A 437 1.44 22.39 11.07
CA TRP A 437 1.41 21.12 11.79
C TRP A 437 2.72 20.35 11.70
N GLN A 438 3.36 20.36 10.53
CA GLN A 438 4.60 19.62 10.39
C GLN A 438 5.68 20.21 11.28
N GLN A 439 5.76 21.53 11.29
CA GLN A 439 6.73 22.21 12.16
C GLN A 439 6.41 21.91 13.62
N LEU A 440 5.12 21.81 13.96
CA LEU A 440 4.74 21.54 15.35
C LEU A 440 5.10 20.11 15.81
N PHE A 441 4.72 19.11 15.00
CA PHE A 441 4.86 17.71 15.38
C PHE A 441 6.17 16.99 15.02
N GLN A 442 6.83 17.39 13.93
CA GLN A 442 8.03 16.65 13.53
C GLN A 442 9.19 16.85 14.49
N ARG A 443 9.70 15.72 15.00
CA ARG A 443 10.88 15.69 15.86
C ARG A 443 11.97 14.84 15.18
N PRO A 444 13.18 14.83 15.73
CA PRO A 444 14.19 13.98 15.08
C PRO A 444 13.87 12.49 15.16
N TYR A 445 12.98 12.10 16.08
CA TYR A 445 12.60 10.69 16.23
C TYR A 445 11.16 10.46 15.76
N PHE A 446 10.55 11.50 15.21
CA PHE A 446 9.17 11.39 14.76
C PHE A 446 9.05 12.09 13.41
N ALA A 447 9.25 11.32 12.33
CA ALA A 447 9.25 11.84 10.96
C ALA A 447 7.85 12.01 10.41
N ILE A 448 7.62 13.16 9.79
CA ILE A 448 6.30 13.49 9.28
C ILE A 448 6.29 13.51 7.76
N ASN A 449 5.21 12.96 7.21
CA ASN A 449 4.96 12.93 5.77
C ASN A 449 3.65 13.64 5.47
N LEU A 450 3.69 14.69 4.63
CA LEU A 450 2.46 15.44 4.32
C LEU A 450 1.70 14.84 3.14
N LEU A 451 0.38 14.75 3.31
CA LEU A 451 -0.47 14.10 2.33
C LEU A 451 -1.69 14.94 2.22
N ALA A 452 -2.30 15.00 1.04
CA ALA A 452 -3.52 15.75 0.89
C ALA A 452 -4.76 14.90 1.25
N ASP A 453 -4.61 13.57 1.30
CA ASP A 453 -5.76 12.67 1.43
C ASP A 453 -6.29 12.51 2.87
N VAL A 454 -7.03 13.50 3.37
CA VAL A 454 -7.52 13.44 4.74
C VAL A 454 -8.55 12.32 4.93
N PRO A 455 -9.47 12.15 3.97
CA PRO A 455 -10.44 11.06 4.17
C PRO A 455 -9.80 9.66 4.18
N GLY A 456 -8.69 9.46 3.48
CA GLY A 456 -8.07 8.14 3.43
C GLY A 456 -7.23 7.80 4.67
N ALA A 457 -6.40 8.74 5.08
CA ALA A 457 -5.60 8.63 6.30
C ALA A 457 -6.51 8.38 7.49
N GLU A 458 -7.57 9.17 7.57
CA GLU A 458 -8.38 9.18 8.78
C GLU A 458 -9.19 7.90 8.87
N MET A 459 -9.75 7.45 7.75
CA MET A 459 -10.54 6.22 7.77
C MET A 459 -9.65 4.98 8.01
N CYS A 460 -8.41 5.02 7.52
CA CYS A 460 -7.46 3.95 7.84
C CYS A 460 -7.13 3.92 9.32
N GLY A 461 -6.79 5.06 9.89
CA GLY A 461 -6.56 5.12 11.32
C GLY A 461 -7.70 4.55 12.15
N THR A 462 -8.94 4.83 11.76
CA THR A 462 -10.11 4.37 12.50
C THR A 462 -10.45 2.90 12.26
N LEU A 463 -10.49 2.44 11.00
CA LEU A 463 -10.91 1.06 10.70
C LEU A 463 -9.90 0.02 11.15
N LYS A 464 -8.63 0.39 11.20
CA LYS A 464 -7.60 -0.58 11.51
C LYS A 464 -7.70 -1.16 12.92
N ASN A 465 -8.41 -0.46 13.81
CA ASN A 465 -8.61 -0.95 15.17
C ASN A 465 -9.62 -2.08 15.18
N ILE A 466 -10.52 -2.10 14.20
CA ILE A 466 -11.37 -3.29 14.05
C ILE A 466 -10.50 -4.51 13.71
N VAL A 467 -9.64 -4.38 12.69
CA VAL A 467 -8.76 -5.49 12.28
C VAL A 467 -7.87 -5.93 13.43
N ALA A 468 -7.43 -4.98 14.28
CA ALA A 468 -6.56 -5.33 15.40
C ALA A 468 -7.31 -6.19 16.43
N VAL A 469 -8.61 -5.97 16.57
CA VAL A 469 -9.44 -6.84 17.41
C VAL A 469 -9.44 -8.25 16.80
N GLY A 470 -9.71 -8.32 15.50
CA GLY A 470 -9.69 -9.60 14.82
C GLY A 470 -8.34 -10.29 14.97
N ALA A 471 -7.27 -9.53 14.79
CA ALA A 471 -5.91 -10.08 14.93
C ALA A 471 -5.69 -10.68 16.30
N GLY A 472 -6.18 -10.00 17.34
CA GLY A 472 -6.03 -10.49 18.70
C GLY A 472 -6.95 -11.66 19.04
N ILE A 473 -8.11 -11.75 18.40
CA ILE A 473 -8.93 -12.94 18.56
C ILE A 473 -8.16 -14.13 17.97
N GLY A 474 -7.52 -13.91 16.83
CA GLY A 474 -6.61 -14.89 16.26
C GLY A 474 -5.56 -15.35 17.25
N ASP A 475 -4.85 -14.39 17.86
CA ASP A 475 -3.81 -14.69 18.82
C ASP A 475 -4.35 -15.50 19.99
N GLY A 476 -5.55 -15.16 20.43
CA GLY A 476 -6.16 -15.83 21.57
C GLY A 476 -6.47 -17.27 21.22
N LEU A 477 -6.84 -17.52 19.96
CA LEU A 477 -7.08 -18.86 19.45
C LEU A 477 -5.83 -19.71 19.33
N GLY A 478 -4.66 -19.08 19.15
CA GLY A 478 -3.46 -19.86 18.90
C GLY A 478 -3.01 -19.93 17.45
N VAL A 479 -3.74 -19.34 16.51
CA VAL A 479 -3.41 -19.44 15.08
C VAL A 479 -1.99 -18.96 14.75
N GLY A 480 -1.39 -19.52 13.71
CA GLY A 480 0.01 -19.23 13.40
C GLY A 480 0.18 -18.05 12.45
N PRO A 481 1.43 -17.67 12.16
CA PRO A 481 1.65 -16.48 11.31
C PRO A 481 0.93 -16.46 9.96
N ASN A 482 0.80 -17.61 9.28
CA ASN A 482 0.09 -17.63 8.01
C ASN A 482 -1.35 -17.20 8.15
N SER A 483 -2.03 -17.77 9.14
CA SER A 483 -3.42 -17.45 9.37
C SER A 483 -3.58 -16.01 9.84
N LYS A 484 -2.66 -15.52 10.67
CA LYS A 484 -2.79 -14.15 11.15
C LYS A 484 -2.62 -13.19 9.99
N ALA A 485 -1.72 -13.55 9.06
CA ALA A 485 -1.48 -12.77 7.86
C ALA A 485 -2.74 -12.69 7.00
N SER A 486 -3.53 -13.75 6.95
CA SER A 486 -4.80 -13.73 6.26
C SER A 486 -5.76 -12.70 6.86
N ILE A 487 -5.89 -12.69 8.18
CA ILE A 487 -6.74 -11.72 8.84
C ILE A 487 -6.32 -10.31 8.47
N LEU A 488 -5.01 -10.06 8.51
CA LEU A 488 -4.52 -8.74 8.14
C LEU A 488 -4.76 -8.41 6.66
N ARG A 489 -4.51 -9.39 5.80
CA ARG A 489 -4.72 -9.21 4.36
C ARG A 489 -6.16 -8.86 4.07
N GLN A 490 -7.09 -9.69 4.56
CA GLN A 490 -8.50 -9.43 4.36
C GLN A 490 -8.92 -8.10 5.00
N GLY A 491 -8.37 -7.82 6.18
CA GLY A 491 -8.68 -6.58 6.88
C GLY A 491 -8.26 -5.38 6.08
N LEU A 492 -7.04 -5.41 5.56
CA LEU A 492 -6.56 -4.28 4.78
C LEU A 492 -7.42 -4.11 3.52
N SER A 493 -7.81 -5.23 2.94
CA SER A 493 -8.60 -5.21 1.70
C SER A 493 -10.00 -4.65 1.95
N GLU A 494 -10.55 -4.91 3.14
CA GLU A 494 -11.87 -4.38 3.47
C GLU A 494 -11.80 -2.91 3.92
N MET A 495 -10.70 -2.49 4.55
CA MET A 495 -10.48 -1.08 4.82
C MET A 495 -10.54 -0.31 3.51
N ARG A 496 -9.72 -0.78 2.56
CA ARG A 496 -9.67 -0.30 1.18
C ARG A 496 -11.04 -0.20 0.52
N LYS A 497 -11.83 -1.27 0.63
CA LYS A 497 -13.15 -1.32 0.03
C LYS A 497 -14.12 -0.34 0.68
N PHE A 498 -14.13 -0.29 2.00
CA PHE A 498 -14.99 0.65 2.73
C PHE A 498 -14.62 2.10 2.36
N CYS A 499 -13.33 2.37 2.25
CA CYS A 499 -12.89 3.71 1.83
C CYS A 499 -13.47 4.08 0.48
N LYS A 500 -13.53 3.10 -0.41
CA LYS A 500 -14.06 3.36 -1.73
C LYS A 500 -15.59 3.45 -1.70
N PHE A 501 -16.25 2.68 -0.84
CA PHE A 501 -17.70 2.78 -0.72
C PHE A 501 -18.17 4.13 -0.20
N ILE A 502 -17.31 4.84 0.52
CA ILE A 502 -17.78 6.02 1.25
C ILE A 502 -17.12 7.30 0.79
N SER A 503 -15.84 7.23 0.45
CA SER A 503 -15.16 8.38 -0.14
C SER A 503 -14.26 7.93 -1.29
N PRO A 504 -14.80 7.89 -2.52
CA PRO A 504 -14.10 7.33 -3.68
C PRO A 504 -12.89 8.14 -4.09
N SER A 505 -12.81 9.38 -3.61
CA SER A 505 -11.63 10.23 -3.80
C SER A 505 -10.34 9.56 -3.33
N VAL A 506 -10.46 8.67 -2.35
CA VAL A 506 -9.29 8.10 -1.68
C VAL A 506 -8.37 7.38 -2.66
N ARG A 507 -7.08 7.65 -2.52
CA ARG A 507 -6.07 7.09 -3.41
C ARG A 507 -5.41 5.84 -2.85
N ASP A 508 -5.20 4.86 -3.73
CA ASP A 508 -4.50 3.64 -3.36
C ASP A 508 -3.18 3.91 -2.66
N ASP A 509 -2.47 4.94 -3.12
CA ASP A 509 -1.19 5.31 -2.53
C ASP A 509 -1.29 5.44 -1.00
N THR A 510 -2.46 5.86 -0.53
CA THR A 510 -2.64 6.19 0.88
C THR A 510 -2.49 4.96 1.78
N PHE A 511 -2.86 3.79 1.27
CA PHE A 511 -2.80 2.57 2.07
C PHE A 511 -1.38 2.11 2.29
N PHE A 512 -0.47 2.61 1.46
CA PHE A 512 0.95 2.26 1.56
C PHE A 512 1.73 3.18 2.46
N GLU A 513 1.11 4.27 2.90
CA GLU A 513 1.77 5.21 3.79
C GLU A 513 1.62 4.75 5.24
N SER A 514 2.27 5.47 6.15
CA SER A 514 2.28 5.09 7.55
C SER A 514 0.88 4.92 8.15
N CYS A 515 -0.08 5.72 7.69
CA CYS A 515 -1.44 5.66 8.23
C CYS A 515 -2.18 4.39 7.84
N GLY A 516 -1.70 3.69 6.81
CA GLY A 516 -2.38 2.52 6.29
C GLY A 516 -1.78 1.21 6.78
N VAL A 517 -0.93 0.58 5.97
CA VAL A 517 -0.38 -0.72 6.33
C VAL A 517 0.50 -0.64 7.58
N ALA A 518 1.28 0.43 7.74
CA ALA A 518 2.14 0.50 8.91
C ALA A 518 1.30 0.45 10.22
N ASP A 519 0.28 1.28 10.32
CA ASP A 519 -0.54 1.35 11.53
C ASP A 519 -1.24 0.02 11.81
N LEU A 520 -1.78 -0.60 10.76
CA LEU A 520 -2.53 -1.84 10.92
C LEU A 520 -1.67 -2.95 11.52
N ILE A 521 -0.38 -2.94 11.14
CA ILE A 521 0.57 -3.95 11.56
C ILE A 521 0.99 -3.75 13.02
N ALA A 522 1.49 -2.55 13.32
CA ALA A 522 1.88 -2.20 14.69
C ALA A 522 0.74 -2.44 15.66
N SER A 523 -0.47 -2.08 15.27
CA SER A 523 -1.62 -2.25 16.16
C SER A 523 -2.08 -3.68 16.27
N SER A 524 -1.82 -4.47 15.21
CA SER A 524 -2.20 -5.88 15.20
C SER A 524 -1.16 -6.70 15.94
N TYR A 525 0.05 -6.18 16.06
CA TYR A 525 1.07 -6.92 16.78
C TYR A 525 1.44 -6.29 18.14
N GLY A 526 1.14 -5.01 18.35
CA GLY A 526 1.60 -4.39 19.59
C GLY A 526 0.63 -3.46 20.28
N GLY A 527 -0.65 -3.47 19.92
CA GLY A 527 -1.56 -2.46 20.43
C GLY A 527 -2.48 -2.96 21.53
N ARG A 528 -3.31 -2.06 22.06
CA ARG A 528 -4.13 -2.40 23.20
C ARG A 528 -5.30 -3.24 22.78
N ASN A 529 -5.80 -3.00 21.57
CA ASN A 529 -6.94 -3.73 21.03
C ASN A 529 -6.63 -5.20 20.83
N ARG A 530 -5.46 -5.47 20.27
CA ARG A 530 -4.94 -6.84 20.10
C ARG A 530 -4.79 -7.49 21.45
N ARG A 531 -4.27 -6.73 22.41
CA ARG A 531 -3.91 -7.29 23.70
C ARG A 531 -5.13 -7.73 24.48
N VAL A 532 -6.16 -6.88 24.48
CA VAL A 532 -7.39 -7.20 25.16
C VAL A 532 -8.22 -8.27 24.47
N ALA A 533 -8.20 -8.24 23.15
CA ALA A 533 -8.98 -9.17 22.37
C ALA A 533 -8.38 -10.57 22.51
N GLU A 534 -7.06 -10.66 22.60
CA GLU A 534 -6.40 -11.93 22.88
C GLU A 534 -6.93 -12.52 24.19
N ALA A 535 -6.90 -11.73 25.26
CA ALA A 535 -7.40 -12.19 26.56
C ALA A 535 -8.86 -12.57 26.51
N TRP A 536 -9.68 -11.79 25.82
CA TRP A 536 -11.10 -12.12 25.69
C TRP A 536 -11.30 -13.49 25.04
N ALA A 537 -10.58 -13.73 23.96
CA ALA A 537 -10.76 -14.96 23.19
C ALA A 537 -10.23 -16.15 23.96
N GLN A 538 -9.13 -15.99 24.69
CA GLN A 538 -8.65 -17.06 25.57
C GLN A 538 -9.71 -17.47 26.60
N LYS A 539 -10.40 -16.48 27.15
CA LYS A 539 -11.38 -16.77 28.19
C LYS A 539 -12.66 -17.36 27.62
N ARG A 540 -13.13 -16.81 26.50
CA ARG A 540 -14.32 -17.34 25.84
C ARG A 540 -14.17 -18.80 25.49
N ILE A 541 -13.02 -19.13 24.91
CA ILE A 541 -12.69 -20.52 24.54
C ILE A 541 -12.65 -21.46 25.74
N ALA A 542 -12.21 -20.93 26.89
CA ALA A 542 -12.00 -21.74 28.09
C ALA A 542 -13.31 -21.98 28.83
N GLY A 543 -14.41 -21.41 28.33
CA GLY A 543 -15.69 -21.58 28.96
C GLY A 543 -16.33 -20.30 29.48
N ASP A 544 -15.51 -19.29 29.75
CA ASP A 544 -16.02 -18.05 30.34
C ASP A 544 -16.92 -17.30 29.38
N ASP A 545 -18.22 -17.56 29.42
CA ASP A 545 -19.13 -16.93 28.48
C ASP A 545 -19.63 -15.56 28.95
N GLN A 546 -19.24 -15.17 30.17
CA GLN A 546 -19.68 -13.90 30.72
C GLN A 546 -18.68 -12.74 30.54
N VAL A 547 -17.40 -13.03 30.33
CA VAL A 547 -16.42 -11.97 30.19
C VAL A 547 -16.76 -11.03 29.02
N THR A 548 -16.53 -9.74 29.22
CA THR A 548 -16.84 -8.75 28.20
C THR A 548 -15.63 -7.87 27.95
N PHE A 549 -15.61 -7.18 26.82
CA PHE A 549 -14.53 -6.22 26.55
C PHE A 549 -14.56 -5.06 27.54
N GLU A 550 -15.75 -4.67 27.96
CA GLU A 550 -15.84 -3.58 28.91
C GLU A 550 -15.19 -3.96 30.24
N LYS A 551 -15.49 -5.16 30.74
CA LYS A 551 -14.84 -5.61 31.97
C LYS A 551 -13.32 -5.69 31.86
N LEU A 552 -12.82 -6.26 30.76
CA LEU A 552 -11.38 -6.41 30.55
C LEU A 552 -10.69 -5.07 30.40
N GLU A 553 -11.36 -4.13 29.75
CA GLU A 553 -10.80 -2.77 29.61
C GLU A 553 -10.48 -2.21 31.00
N LYS A 554 -11.42 -2.40 31.92
CA LYS A 554 -11.29 -1.91 33.28
C LYS A 554 -10.14 -2.66 33.98
N GLU A 555 -10.11 -3.96 33.77
CA GLU A 555 -9.13 -4.83 34.42
C GLU A 555 -7.72 -4.69 33.85
N MET A 556 -7.58 -4.43 32.54
CA MET A 556 -6.27 -4.49 31.88
C MET A 556 -5.63 -3.15 31.49
N LEU A 557 -6.43 -2.13 31.17
CA LEU A 557 -5.86 -0.94 30.55
C LEU A 557 -5.68 0.27 31.47
N ASN A 558 -5.97 0.11 32.76
CA ASN A 558 -5.57 1.10 33.73
C ASN A 558 -6.07 2.49 33.42
N GLY A 559 -7.36 2.60 33.10
CA GLY A 559 -7.95 3.89 32.78
C GLY A 559 -8.00 4.24 31.31
N GLN A 560 -7.09 3.66 30.50
CA GLN A 560 -7.05 3.95 29.07
C GLN A 560 -8.25 3.30 28.38
N LYS A 561 -8.55 3.78 27.17
CA LYS A 561 -9.79 3.42 26.50
C LYS A 561 -9.59 2.52 25.27
N LEU A 562 -10.31 1.41 25.27
CA LEU A 562 -10.36 0.47 24.17
C LEU A 562 -11.17 1.09 23.02
N GLN A 563 -10.64 1.08 21.81
CA GLN A 563 -11.34 1.78 20.73
C GLN A 563 -11.89 0.87 19.63
N GLY A 564 -11.33 -0.33 19.48
CA GLY A 564 -11.73 -1.23 18.39
C GLY A 564 -13.14 -1.85 18.42
N VAL A 565 -13.64 -2.15 19.60
CA VAL A 565 -14.97 -2.75 19.69
C VAL A 565 -16.05 -1.69 19.47
N LEU A 566 -15.85 -0.50 20.02
CA LEU A 566 -16.70 0.65 19.70
C LEU A 566 -16.69 0.90 18.19
N THR A 567 -15.51 0.82 17.58
CA THR A 567 -15.43 1.08 16.15
C THR A 567 -16.10 -0.06 15.37
N SER A 568 -15.95 -1.30 15.86
CA SER A 568 -16.64 -2.43 15.24
C SER A 568 -18.14 -2.20 15.19
N ASP A 569 -18.72 -1.79 16.32
CA ASP A 569 -20.16 -1.53 16.39
C ASP A 569 -20.54 -0.36 15.50
N GLU A 570 -19.75 0.70 15.49
CA GLU A 570 -20.11 1.85 14.67
C GLU A 570 -20.23 1.45 13.19
N VAL A 571 -19.21 0.76 12.69
CA VAL A 571 -19.22 0.28 11.31
C VAL A 571 -20.32 -0.74 11.05
N GLN A 572 -20.60 -1.61 12.02
CA GLN A 572 -21.64 -2.61 11.78
C GLN A 572 -22.99 -1.95 11.64
N GLU A 573 -23.23 -0.90 12.44
CA GLU A 573 -24.45 -0.11 12.32
C GLU A 573 -24.62 0.41 10.89
N ILE A 574 -23.55 0.98 10.36
CA ILE A 574 -23.57 1.43 8.97
C ILE A 574 -23.74 0.27 7.97
N LEU A 575 -23.12 -0.87 8.22
CA LEU A 575 -23.21 -2.01 7.31
C LEU A 575 -24.64 -2.55 7.28
N HIS A 576 -25.24 -2.64 8.47
CA HIS A 576 -26.60 -3.13 8.57
C HIS A 576 -27.55 -2.19 7.84
N ALA A 577 -27.41 -0.90 8.13
CA ALA A 577 -28.25 0.12 7.54
C ALA A 577 -28.22 0.10 6.02
N ARG A 578 -27.01 0.02 5.45
CA ARG A 578 -26.85 0.07 3.99
C ARG A 578 -26.94 -1.30 3.36
N GLY A 579 -27.22 -2.33 4.17
CA GLY A 579 -27.22 -3.70 3.66
C GLY A 579 -25.89 -4.18 3.13
N TRP A 580 -24.79 -3.81 3.79
CA TRP A 580 -23.47 -4.23 3.32
C TRP A 580 -22.85 -5.33 4.18
N GLU A 581 -23.64 -6.01 5.00
CA GLU A 581 -23.06 -7.04 5.87
C GLU A 581 -22.19 -8.06 5.12
N LEU A 582 -22.61 -8.46 3.91
CA LEU A 582 -21.83 -9.45 3.18
C LEU A 582 -20.74 -8.83 2.29
N GLU A 583 -20.82 -7.52 2.07
CA GLU A 583 -19.75 -6.87 1.32
C GLU A 583 -18.46 -6.85 2.13
N PHE A 584 -18.58 -6.99 3.44
CA PHE A 584 -17.41 -6.88 4.30
C PHE A 584 -17.45 -8.03 5.27
N PRO A 585 -17.13 -9.23 4.78
CA PRO A 585 -17.30 -10.43 5.60
C PRO A 585 -16.44 -10.41 6.86
N LEU A 586 -15.19 -9.95 6.81
CA LEU A 586 -14.38 -10.04 8.02
C LEU A 586 -14.87 -9.06 9.08
N PHE A 587 -15.18 -7.82 8.68
CA PHE A 587 -15.75 -6.84 9.60
C PHE A 587 -16.98 -7.43 10.28
N THR A 588 -17.78 -8.13 9.50
CA THR A 588 -19.04 -8.64 10.01
C THR A 588 -18.84 -9.83 10.95
N THR A 589 -17.93 -10.75 10.62
CA THR A 589 -17.80 -11.89 11.53
C THR A 589 -17.06 -11.47 12.80
N ILE A 590 -16.21 -10.46 12.73
CA ILE A 590 -15.62 -9.91 13.97
C ILE A 590 -16.68 -9.35 14.93
N ASN A 591 -17.68 -8.66 14.39
CA ASN A 591 -18.75 -8.08 15.21
C ASN A 591 -19.68 -9.16 15.75
N ARG A 592 -20.00 -10.11 14.89
CA ARG A 592 -20.79 -11.26 15.29
C ARG A 592 -20.09 -12.10 16.37
N ILE A 593 -18.76 -12.10 16.36
CA ILE A 593 -17.96 -12.81 17.39
C ILE A 593 -17.95 -12.05 18.71
N ILE A 594 -17.62 -10.76 18.65
CA ILE A 594 -17.77 -9.89 19.79
C ILE A 594 -19.12 -10.07 20.47
N HIS A 595 -20.19 -10.13 19.68
CA HIS A 595 -21.53 -10.15 20.27
C HIS A 595 -22.09 -11.57 20.44
N GLY A 596 -21.28 -12.57 20.13
CA GLY A 596 -21.57 -13.93 20.53
C GLY A 596 -22.51 -14.70 19.62
N GLU A 597 -22.61 -14.28 18.36
CA GLU A 597 -23.43 -15.02 17.42
C GLU A 597 -22.59 -16.06 16.71
N VAL A 598 -21.31 -15.78 16.57
CA VAL A 598 -20.37 -16.70 15.94
C VAL A 598 -19.30 -17.02 16.95
N PRO A 599 -18.84 -18.27 17.01
CA PRO A 599 -17.80 -18.62 17.97
C PRO A 599 -16.46 -18.04 17.53
N PRO A 600 -15.58 -17.73 18.49
CA PRO A 600 -14.31 -17.13 18.10
C PRO A 600 -13.54 -17.99 17.10
N THR A 601 -13.75 -19.30 17.13
CA THR A 601 -12.98 -20.21 16.28
C THR A 601 -13.27 -20.03 14.79
N MET A 602 -14.34 -19.30 14.46
CA MET A 602 -14.71 -19.07 13.05
C MET A 602 -14.05 -17.85 12.45
N ILE A 603 -13.04 -17.30 13.11
CA ILE A 603 -12.46 -16.03 12.65
C ILE A 603 -11.74 -16.17 11.31
N LEU A 604 -11.11 -17.30 11.04
CA LEU A 604 -10.44 -17.47 9.75
C LEU A 604 -11.44 -17.93 8.68
N ARG A 605 -12.69 -18.13 9.08
CA ARG A 605 -13.74 -18.59 8.16
C ARG A 605 -14.75 -17.49 7.88
N TYR A 606 -14.24 -16.27 7.69
CA TYR A 606 -15.09 -15.11 7.54
C TYR A 606 -16.04 -15.17 6.32
N ARG A 607 -15.55 -15.64 5.17
CA ARG A 607 -16.38 -15.81 3.97
C ARG A 607 -17.65 -16.59 4.29
N VAL A 608 -17.58 -17.45 5.30
CA VAL A 608 -18.69 -18.30 5.68
C VAL A 608 -19.39 -17.82 6.93
N ALA A 609 -18.61 -17.34 7.89
CA ALA A 609 -19.14 -16.91 9.18
C ALA A 609 -20.01 -15.64 9.08
N CYS A 610 -19.86 -14.89 8.01
CA CYS A 610 -20.62 -13.66 7.88
C CYS A 610 -22.10 -13.96 7.66
N SER A 611 -22.39 -15.10 7.01
CA SER A 611 -23.78 -15.44 6.68
C SER A 611 -24.30 -16.64 7.47
N MET A 612 -23.42 -17.40 8.13
CA MET A 612 -23.85 -18.59 8.86
C MET A 612 -24.91 -18.25 9.90
N PRO A 613 -25.78 -19.22 10.22
CA PRO A 613 -26.83 -18.94 11.22
C PRO A 613 -26.21 -18.77 12.59
N SER A 614 -26.76 -17.88 13.39
CA SER A 614 -26.24 -17.65 14.74
C SER A 614 -26.19 -18.94 15.57
N MET A 615 -25.27 -19.00 16.53
CA MET A 615 -25.19 -20.10 17.48
C MET A 615 -26.27 -19.97 18.55
N PRO A 616 -26.69 -21.11 19.14
CA PRO A 616 -27.69 -21.10 20.23
C PRO A 616 -27.13 -20.50 21.51
N LEU B 18 -20.92 -52.95 -42.15
CA LEU B 18 -21.80 -51.90 -41.68
C LEU B 18 -22.02 -52.02 -40.16
N TYR B 19 -20.95 -52.31 -39.44
CA TYR B 19 -21.01 -52.49 -37.98
C TYR B 19 -20.69 -51.19 -37.22
N PHE B 20 -20.98 -51.20 -35.92
CA PHE B 20 -20.72 -50.05 -35.05
C PHE B 20 -19.21 -49.81 -34.84
N GLN B 21 -18.78 -48.56 -35.00
CA GLN B 21 -17.37 -48.17 -34.84
C GLN B 21 -16.86 -48.44 -33.41
N SER B 22 -16.19 -49.59 -33.25
CA SER B 22 -15.80 -50.10 -31.92
C SER B 22 -14.81 -49.18 -31.19
N GLU B 23 -13.56 -49.16 -31.67
CA GLU B 23 -12.55 -48.24 -31.20
C GLU B 23 -12.45 -47.08 -32.18
N PRO B 24 -12.46 -45.84 -31.67
CA PRO B 24 -12.38 -44.69 -32.57
C PRO B 24 -10.99 -44.56 -33.20
N SER B 25 -10.91 -43.71 -34.21
CA SER B 25 -9.82 -43.70 -35.19
C SER B 25 -8.55 -42.91 -34.89
N GLU B 26 -8.38 -42.42 -33.66
CA GLU B 26 -7.16 -41.68 -33.31
C GLU B 26 -7.27 -40.20 -33.69
N GLN B 27 -7.71 -39.90 -34.92
CA GLN B 27 -8.10 -38.54 -35.24
C GLN B 27 -9.32 -38.16 -34.40
N VAL B 28 -10.25 -39.10 -34.30
CA VAL B 28 -11.40 -38.88 -33.47
C VAL B 28 -11.00 -38.78 -32.01
N LEU B 29 -10.05 -39.63 -31.61
CA LEU B 29 -9.56 -39.62 -30.23
C LEU B 29 -9.03 -38.26 -29.87
N ASP B 30 -8.13 -37.75 -30.72
CA ASP B 30 -7.52 -36.46 -30.48
C ASP B 30 -8.56 -35.35 -30.47
N LEU B 31 -9.58 -35.49 -31.31
CA LEU B 31 -10.60 -34.45 -31.41
C LEU B 31 -11.39 -34.38 -30.10
N TRP B 32 -11.64 -35.53 -29.49
CA TRP B 32 -12.31 -35.64 -28.20
C TRP B 32 -11.58 -34.83 -27.12
N GLN B 33 -10.26 -35.01 -27.09
CA GLN B 33 -9.44 -34.32 -26.09
C GLN B 33 -9.28 -32.85 -26.40
N GLN B 34 -9.40 -32.50 -27.68
CA GLN B 34 -9.26 -31.11 -28.12
C GLN B 34 -10.61 -30.44 -28.31
N ALA B 35 -11.66 -31.03 -27.75
CA ALA B 35 -13.00 -30.51 -27.95
C ALA B 35 -13.15 -29.17 -27.26
N ASP B 36 -13.72 -28.18 -27.94
CA ASP B 36 -14.07 -26.92 -27.29
C ASP B 36 -15.48 -26.98 -26.70
N ALA B 37 -16.33 -27.80 -27.30
CA ALA B 37 -17.72 -27.92 -26.84
C ALA B 37 -18.27 -29.30 -27.14
N VAL B 38 -19.03 -29.85 -26.21
CA VAL B 38 -19.68 -31.13 -26.47
C VAL B 38 -21.19 -30.91 -26.29
N CYS B 39 -21.94 -31.37 -27.27
CA CYS B 39 -23.39 -31.21 -27.29
C CYS B 39 -24.08 -32.55 -27.06
N PHE B 40 -24.92 -32.58 -26.02
CA PHE B 40 -25.64 -33.80 -25.67
C PHE B 40 -27.09 -33.73 -26.11
N ASP B 41 -27.58 -34.80 -26.72
CA ASP B 41 -29.01 -35.03 -26.86
C ASP B 41 -29.56 -35.26 -25.45
N VAL B 42 -30.79 -34.85 -25.18
CA VAL B 42 -31.37 -35.12 -23.87
C VAL B 42 -32.01 -36.52 -23.80
N ASP B 43 -33.06 -36.73 -24.61
CA ASP B 43 -33.79 -37.98 -24.59
C ASP B 43 -32.95 -39.20 -24.91
N ARG B 44 -32.91 -40.12 -23.95
CA ARG B 44 -32.25 -41.41 -24.10
C ARG B 44 -30.72 -41.31 -24.25
N THR B 45 -30.14 -40.14 -23.98
CA THR B 45 -28.68 -40.06 -23.89
C THR B 45 -28.23 -39.35 -22.61
N VAL B 46 -28.95 -38.30 -22.20
CA VAL B 46 -28.78 -37.75 -20.86
C VAL B 46 -29.80 -38.38 -19.90
N THR B 47 -31.05 -38.47 -20.35
CA THR B 47 -32.10 -39.05 -19.52
C THR B 47 -32.48 -40.45 -19.99
N THR B 48 -32.98 -41.28 -19.09
CA THR B 48 -33.27 -42.67 -19.41
C THR B 48 -34.56 -42.85 -20.19
N ASP B 49 -35.38 -41.79 -20.22
CA ASP B 49 -36.72 -41.85 -20.79
C ASP B 49 -36.89 -40.78 -21.85
N ALA B 50 -38.08 -40.67 -22.45
CA ALA B 50 -38.33 -39.63 -23.44
C ALA B 50 -39.15 -38.48 -22.84
N SER B 51 -40.46 -38.69 -22.75
CA SER B 51 -41.35 -37.73 -22.10
C SER B 51 -42.57 -38.49 -21.59
N VAL B 52 -43.76 -38.12 -22.06
CA VAL B 52 -45.00 -38.82 -21.76
C VAL B 52 -45.36 -38.73 -20.26
N GLY B 53 -46.62 -39.04 -19.94
CA GLY B 53 -47.09 -39.00 -18.55
C GLY B 53 -48.56 -39.29 -18.39
N ARG B 99 -51.27 -25.25 -16.82
CA ARG B 99 -49.87 -25.06 -16.46
C ARG B 99 -49.38 -26.25 -15.66
N PHE B 100 -49.68 -26.25 -14.37
CA PHE B 100 -49.32 -27.36 -13.50
C PHE B 100 -47.80 -27.47 -13.38
N LEU B 101 -47.15 -28.13 -14.34
CA LEU B 101 -45.69 -28.21 -14.41
C LEU B 101 -45.13 -29.12 -13.30
N GLU B 102 -45.60 -30.37 -13.27
CA GLU B 102 -45.14 -31.32 -12.27
C GLU B 102 -43.98 -32.17 -12.77
N GLU B 103 -42.84 -31.52 -12.96
CA GLU B 103 -41.59 -32.23 -13.11
C GLU B 103 -41.29 -32.83 -11.75
N HIS B 104 -41.84 -34.03 -11.50
CA HIS B 104 -41.78 -34.63 -10.17
C HIS B 104 -40.35 -34.83 -9.66
N PRO B 105 -39.40 -35.25 -10.54
CA PRO B 105 -38.06 -35.57 -10.05
C PRO B 105 -36.94 -34.74 -10.67
N ALA B 106 -36.12 -35.39 -11.52
CA ALA B 106 -35.08 -34.79 -12.40
C ALA B 106 -33.65 -35.24 -12.05
N HIS B 107 -33.54 -36.16 -11.09
CA HIS B 107 -32.25 -36.77 -10.77
C HIS B 107 -32.42 -38.27 -10.88
N THR B 108 -33.67 -38.68 -10.99
CA THR B 108 -34.00 -40.07 -11.27
C THR B 108 -34.07 -40.25 -12.78
N ARG B 109 -34.03 -39.12 -13.49
CA ARG B 109 -34.13 -39.12 -14.94
C ARG B 109 -32.79 -39.47 -15.57
N LEU B 110 -31.72 -39.27 -14.81
CA LEU B 110 -30.37 -39.27 -15.36
C LEU B 110 -29.82 -40.64 -15.72
N VAL B 111 -29.17 -40.72 -16.87
CA VAL B 111 -28.40 -41.90 -17.26
C VAL B 111 -27.14 -42.01 -16.41
N PRO B 112 -26.81 -43.22 -15.95
CA PRO B 112 -25.56 -43.40 -15.17
C PRO B 112 -24.34 -42.85 -15.90
N GLY B 113 -23.41 -42.26 -15.15
CA GLY B 113 -22.16 -41.79 -15.72
C GLY B 113 -22.20 -40.44 -16.41
N VAL B 114 -23.39 -40.01 -16.87
CA VAL B 114 -23.47 -38.78 -17.66
C VAL B 114 -23.19 -37.56 -16.78
N GLU B 115 -23.61 -37.64 -15.53
CA GLU B 115 -23.35 -36.58 -14.57
C GLU B 115 -21.83 -36.49 -14.30
N ASN B 116 -21.17 -37.63 -14.11
CA ASN B 116 -19.72 -37.68 -14.00
C ASN B 116 -19.00 -37.17 -15.26
N LEU B 117 -19.46 -37.60 -16.43
CA LEU B 117 -18.88 -37.13 -17.69
C LEU B 117 -19.01 -35.62 -17.85
N ILE B 118 -20.21 -35.10 -17.64
CA ILE B 118 -20.41 -33.68 -17.89
C ILE B 118 -19.60 -32.82 -16.90
N ALA B 119 -19.47 -33.27 -15.65
CA ALA B 119 -18.59 -32.59 -14.69
C ALA B 119 -17.13 -32.62 -15.15
N ALA B 120 -16.68 -33.78 -15.62
CA ALA B 120 -15.30 -33.95 -16.07
C ALA B 120 -14.99 -33.07 -17.28
N LEU B 121 -15.99 -32.84 -18.14
CA LEU B 121 -15.82 -31.94 -19.27
C LEU B 121 -15.69 -30.50 -18.78
N LYS B 122 -16.58 -30.09 -17.88
CA LYS B 122 -16.53 -28.75 -17.31
C LYS B 122 -15.19 -28.52 -16.60
N ALA B 123 -14.74 -29.51 -15.83
CA ALA B 123 -13.42 -29.44 -15.20
C ALA B 123 -12.28 -29.24 -16.21
N ARG B 124 -12.54 -29.43 -17.50
CA ARG B 124 -11.49 -29.24 -18.50
C ARG B 124 -11.71 -28.01 -19.37
N GLY B 125 -12.66 -27.17 -18.99
CA GLY B 125 -12.91 -25.93 -19.73
C GLY B 125 -13.76 -26.14 -20.98
N VAL B 126 -14.33 -27.33 -21.12
CA VAL B 126 -15.15 -27.64 -22.29
C VAL B 126 -16.56 -27.15 -22.08
N GLU B 127 -17.03 -26.30 -22.97
CA GLU B 127 -18.40 -25.80 -22.93
C GLU B 127 -19.41 -26.91 -23.26
N VAL B 128 -20.34 -27.16 -22.35
CA VAL B 128 -21.32 -28.24 -22.55
C VAL B 128 -22.70 -27.67 -22.89
N PHE B 129 -23.33 -28.29 -23.89
CA PHE B 129 -24.62 -27.86 -24.44
C PHE B 129 -25.64 -28.99 -24.40
N LEU B 130 -26.91 -28.60 -24.41
CA LEU B 130 -28.01 -29.54 -24.58
C LEU B 130 -28.75 -29.23 -25.89
N ILE B 131 -28.84 -30.21 -26.78
CA ILE B 131 -29.59 -30.01 -28.02
C ILE B 131 -30.68 -31.06 -28.15
N SER B 132 -31.94 -30.64 -27.96
CA SER B 132 -33.04 -31.59 -27.87
C SER B 132 -34.12 -31.38 -28.92
N GLY B 133 -34.55 -32.47 -29.55
CA GLY B 133 -35.68 -32.41 -30.45
C GLY B 133 -36.99 -32.50 -29.68
N GLY B 134 -36.90 -32.50 -28.35
CA GLY B 134 -38.05 -32.63 -27.49
C GLY B 134 -38.58 -31.29 -27.00
N PHE B 135 -38.84 -31.19 -25.69
CA PHE B 135 -39.48 -30.00 -25.13
C PHE B 135 -38.62 -29.31 -24.07
N ARG B 136 -38.45 -27.99 -24.23
CA ARG B 136 -37.54 -27.20 -23.39
C ARG B 136 -37.87 -27.21 -21.90
N GLU B 137 -39.12 -26.95 -21.57
CA GLU B 137 -39.55 -26.95 -20.17
C GLU B 137 -39.31 -28.31 -19.55
N MET B 138 -39.24 -29.33 -20.40
CA MET B 138 -38.96 -30.70 -19.99
C MET B 138 -37.47 -30.93 -19.73
N ALA B 139 -36.63 -30.07 -20.30
CA ALA B 139 -35.19 -30.28 -20.29
C ALA B 139 -34.43 -29.31 -19.40
N LEU B 140 -35.01 -28.11 -19.20
CA LEU B 140 -34.39 -27.10 -18.36
C LEU B 140 -34.02 -27.65 -16.98
N PRO B 141 -34.93 -28.39 -16.33
CA PRO B 141 -34.62 -28.98 -15.02
C PRO B 141 -33.38 -29.87 -15.07
N ILE B 142 -33.24 -30.66 -16.13
CA ILE B 142 -32.04 -31.46 -16.34
C ILE B 142 -30.80 -30.57 -16.47
N ALA B 143 -30.93 -29.53 -17.28
CA ALA B 143 -29.81 -28.64 -17.54
C ALA B 143 -29.38 -27.92 -16.27
N SER B 144 -30.34 -27.66 -15.40
CA SER B 144 -30.07 -26.96 -14.16
C SER B 144 -29.30 -27.86 -13.19
N HIS B 145 -29.76 -29.10 -13.07
CA HIS B 145 -29.12 -30.08 -12.21
C HIS B 145 -27.67 -30.30 -12.63
N LEU B 146 -27.39 -30.11 -13.91
CA LEU B 146 -26.09 -30.42 -14.48
C LEU B 146 -25.25 -29.15 -14.62
N LYS B 147 -25.80 -28.03 -14.16
CA LYS B 147 -25.10 -26.77 -14.14
C LYS B 147 -24.78 -26.34 -15.55
N ILE B 148 -25.79 -26.47 -16.41
CA ILE B 148 -25.74 -25.98 -17.78
C ILE B 148 -26.70 -24.83 -17.88
N PRO B 149 -26.18 -23.62 -18.10
CA PRO B 149 -27.04 -22.42 -18.15
C PRO B 149 -28.12 -22.56 -19.22
N ALA B 150 -29.25 -21.88 -18.99
CA ALA B 150 -30.37 -21.90 -19.90
C ALA B 150 -29.96 -21.56 -21.35
N LYS B 151 -28.95 -20.71 -21.49
CA LYS B 151 -28.52 -20.22 -22.80
C LYS B 151 -27.78 -21.30 -23.59
N ASN B 152 -27.45 -22.40 -22.91
CA ASN B 152 -26.75 -23.54 -23.52
C ASN B 152 -27.71 -24.68 -23.80
N VAL B 153 -29.01 -24.40 -23.64
CA VAL B 153 -30.04 -25.39 -23.93
C VAL B 153 -30.77 -25.01 -25.22
N PHE B 154 -30.55 -25.79 -26.29
CA PHE B 154 -31.24 -25.55 -27.56
C PHE B 154 -32.38 -26.52 -27.71
N CYS B 155 -33.60 -26.00 -27.60
CA CYS B 155 -34.76 -26.85 -27.51
C CYS B 155 -36.00 -26.01 -27.79
N ASN B 156 -37.04 -26.65 -28.33
CA ASN B 156 -38.33 -25.98 -28.58
C ASN B 156 -39.23 -26.04 -27.37
N THR B 157 -40.27 -25.21 -27.38
CA THR B 157 -41.25 -25.16 -26.30
C THR B 157 -42.38 -26.19 -26.45
N MET B 158 -43.62 -25.71 -26.43
CA MET B 158 -44.79 -26.59 -26.46
C MET B 158 -46.04 -25.90 -27.02
N SER B 159 -45.90 -24.61 -27.31
CA SER B 159 -46.98 -23.73 -27.81
C SER B 159 -47.77 -23.08 -26.64
N SER B 182 -35.57 -32.22 -40.19
CA SER B 182 -35.80 -30.77 -40.15
C SER B 182 -34.50 -29.99 -39.92
N HIS B 183 -33.38 -30.71 -39.86
CA HIS B 183 -32.07 -30.07 -39.72
C HIS B 183 -31.92 -29.24 -38.44
N PHE B 184 -32.67 -29.60 -37.39
CA PHE B 184 -32.69 -28.75 -36.20
C PHE B 184 -31.33 -28.70 -35.49
N LYS B 185 -30.67 -29.85 -35.37
CA LYS B 185 -29.44 -29.91 -34.56
C LYS B 185 -28.21 -29.36 -35.27
N SER B 186 -28.01 -29.67 -36.54
CA SER B 186 -26.89 -29.08 -37.27
C SER B 186 -27.05 -27.57 -37.31
N ARG B 187 -28.30 -27.13 -37.35
CA ARG B 187 -28.61 -25.71 -37.42
C ARG B 187 -28.22 -25.02 -36.12
N ALA B 188 -28.44 -25.71 -35.01
CA ALA B 188 -28.10 -25.23 -33.68
C ALA B 188 -26.58 -25.16 -33.49
N ILE B 189 -25.88 -26.14 -34.02
CA ILE B 189 -24.43 -26.13 -33.98
C ILE B 189 -23.82 -25.02 -34.85
N GLU B 190 -24.47 -24.68 -35.97
CA GLU B 190 -24.00 -23.56 -36.80
C GLU B 190 -24.07 -22.23 -36.04
N ARG B 191 -25.08 -22.11 -35.20
CA ARG B 191 -25.22 -20.91 -34.39
C ARG B 191 -24.07 -20.80 -33.39
N ILE B 192 -23.82 -21.89 -32.67
CA ILE B 192 -22.72 -21.97 -31.71
C ILE B 192 -21.39 -21.53 -32.33
N ARG B 193 -21.13 -21.98 -33.56
CA ARG B 193 -19.90 -21.65 -34.25
C ARG B 193 -19.87 -20.16 -34.60
N ARG B 194 -21.04 -19.53 -34.65
CA ARG B 194 -21.07 -18.12 -34.97
C ARG B 194 -20.96 -17.26 -33.71
N LYS B 195 -21.51 -17.73 -32.58
CA LYS B 195 -21.57 -16.92 -31.38
C LYS B 195 -20.43 -17.14 -30.39
N TYR B 196 -19.65 -18.19 -30.63
CA TYR B 196 -18.53 -18.53 -29.75
C TYR B 196 -17.29 -18.79 -30.58
N PRO B 197 -16.10 -18.67 -29.96
CA PRO B 197 -14.84 -18.99 -30.66
C PRO B 197 -14.48 -20.49 -30.54
N TYR B 198 -15.45 -21.37 -30.74
CA TYR B 198 -15.25 -22.82 -30.67
C TYR B 198 -15.13 -23.40 -32.07
N ASN B 199 -14.09 -24.19 -32.29
CA ASN B 199 -13.88 -24.79 -33.60
C ASN B 199 -13.96 -26.31 -33.58
N ASN B 200 -13.76 -26.92 -32.42
CA ASN B 200 -13.93 -28.36 -32.30
C ASN B 200 -15.15 -28.69 -31.46
N ILE B 201 -16.17 -29.22 -32.13
CA ILE B 201 -17.47 -29.43 -31.51
C ILE B 201 -17.94 -30.84 -31.79
N ILE B 202 -18.36 -31.53 -30.74
CA ILE B 202 -18.68 -32.93 -30.82
C ILE B 202 -20.13 -33.12 -30.40
N MET B 203 -20.85 -33.96 -31.14
CA MET B 203 -22.23 -34.28 -30.82
C MET B 203 -22.29 -35.66 -30.20
N VAL B 204 -23.03 -35.76 -29.10
CA VAL B 204 -23.25 -37.05 -28.43
C VAL B 204 -24.74 -37.27 -28.41
N GLY B 205 -25.18 -38.45 -28.87
CA GLY B 205 -26.61 -38.77 -28.91
C GLY B 205 -26.94 -40.17 -29.42
N ASP B 206 -28.23 -40.50 -29.46
CA ASP B 206 -28.69 -41.84 -29.78
C ASP B 206 -29.37 -41.96 -31.14
N GLY B 207 -29.88 -40.83 -31.65
CA GLY B 207 -30.76 -40.87 -32.80
C GLY B 207 -30.21 -40.36 -34.13
N PHE B 208 -31.11 -40.22 -35.10
CA PHE B 208 -30.77 -39.74 -36.43
C PHE B 208 -30.58 -38.24 -36.43
N SER B 209 -31.33 -37.55 -35.57
CA SER B 209 -31.21 -36.11 -35.40
C SER B 209 -29.79 -35.77 -34.97
N ASP B 210 -29.19 -36.64 -34.17
CA ASP B 210 -27.83 -36.43 -33.68
C ASP B 210 -26.80 -36.71 -34.75
N LEU B 211 -27.06 -37.72 -35.57
CA LEU B 211 -26.17 -37.99 -36.69
C LEU B 211 -26.15 -36.80 -37.64
N GLU B 212 -27.32 -36.18 -37.87
CA GLU B 212 -27.41 -35.09 -38.82
C GLU B 212 -26.75 -33.81 -38.29
N ALA B 213 -26.50 -33.75 -36.99
CA ALA B 213 -25.83 -32.60 -36.38
C ALA B 213 -24.43 -32.47 -36.98
N MET B 214 -23.89 -33.62 -37.39
CA MET B 214 -22.64 -33.65 -38.11
C MET B 214 -22.84 -33.67 -39.64
N GLN B 215 -23.64 -34.60 -40.15
CA GLN B 215 -23.83 -34.78 -41.60
C GLN B 215 -24.57 -33.65 -42.33
N GLY B 216 -25.51 -32.99 -41.66
CA GLY B 216 -26.44 -32.10 -42.34
C GLY B 216 -25.93 -30.72 -42.69
N SER B 217 -24.63 -30.51 -42.55
CA SER B 217 -24.04 -29.18 -42.74
C SER B 217 -22.53 -29.25 -42.69
N PRO B 218 -21.86 -28.44 -43.53
CA PRO B 218 -20.40 -28.32 -43.44
C PRO B 218 -20.01 -27.52 -42.19
N ASP B 219 -21.01 -26.96 -41.51
CA ASP B 219 -20.76 -26.19 -40.29
C ASP B 219 -21.30 -26.83 -39.02
N GLY B 220 -21.50 -28.14 -39.06
CA GLY B 220 -22.11 -28.86 -37.96
C GLY B 220 -21.04 -29.47 -37.07
N ALA B 221 -21.39 -30.51 -36.33
CA ALA B 221 -20.45 -31.16 -35.44
C ALA B 221 -19.26 -31.66 -36.25
N ASP B 222 -18.11 -31.84 -35.59
CA ASP B 222 -16.92 -32.38 -36.26
C ASP B 222 -16.86 -33.87 -36.10
N ALA B 223 -17.54 -34.37 -35.08
CA ALA B 223 -17.68 -35.80 -34.90
C ALA B 223 -18.99 -36.06 -34.21
N PHE B 224 -19.43 -37.30 -34.28
CA PHE B 224 -20.68 -37.71 -33.67
C PHE B 224 -20.37 -38.95 -32.86
N ILE B 225 -20.65 -38.89 -31.56
CA ILE B 225 -20.48 -40.05 -30.69
C ILE B 225 -21.87 -40.61 -30.44
N CYS B 226 -22.10 -41.84 -30.85
CA CYS B 226 -23.41 -42.44 -30.69
C CYS B 226 -23.46 -43.18 -29.36
N PHE B 227 -24.41 -42.82 -28.52
CA PHE B 227 -24.52 -43.46 -27.20
C PHE B 227 -25.57 -44.57 -27.26
N GLY B 228 -25.09 -45.80 -27.14
CA GLY B 228 -25.94 -46.98 -27.27
C GLY B 228 -26.43 -47.53 -25.95
N GLY B 229 -26.19 -46.78 -24.87
CA GLY B 229 -26.84 -47.07 -23.62
C GLY B 229 -28.28 -46.64 -23.81
N VAL B 230 -29.21 -47.33 -23.16
CA VAL B 230 -30.64 -47.05 -23.31
C VAL B 230 -31.21 -47.61 -24.64
N MET B 231 -30.78 -47.05 -25.78
CA MET B 231 -31.29 -47.46 -27.09
C MET B 231 -30.18 -47.78 -28.08
N GLN B 232 -30.19 -48.98 -28.63
CA GLN B 232 -29.22 -49.34 -29.67
C GLN B 232 -29.84 -49.34 -31.07
N ARG B 233 -29.59 -48.27 -31.82
CA ARG B 233 -30.10 -48.11 -33.18
C ARG B 233 -28.99 -48.33 -34.20
N PRO B 234 -29.01 -49.50 -34.88
CA PRO B 234 -27.87 -49.89 -35.72
C PRO B 234 -27.64 -48.96 -36.91
N ALA B 235 -28.69 -48.28 -37.36
CA ALA B 235 -28.55 -47.38 -38.51
C ALA B 235 -27.70 -46.16 -38.16
N VAL B 236 -27.91 -45.64 -36.95
CA VAL B 236 -27.13 -44.51 -36.46
C VAL B 236 -25.74 -44.99 -36.05
N ALA B 237 -25.69 -46.15 -35.41
CA ALA B 237 -24.44 -46.69 -34.87
C ALA B 237 -23.42 -47.03 -35.94
N SER B 238 -23.91 -47.51 -37.07
CA SER B 238 -23.05 -47.90 -38.21
C SER B 238 -22.30 -46.71 -38.71
N GLN B 239 -23.02 -45.59 -38.83
CA GLN B 239 -22.45 -44.29 -39.10
C GLN B 239 -21.88 -43.82 -37.75
N ALA B 240 -21.58 -42.55 -37.57
CA ALA B 240 -20.97 -42.11 -36.28
C ALA B 240 -19.51 -42.53 -36.11
N ASP B 241 -18.71 -41.63 -35.52
CA ASP B 241 -17.26 -41.84 -35.44
C ASP B 241 -16.83 -42.70 -34.26
N TRP B 242 -17.79 -43.01 -33.39
CA TRP B 242 -17.48 -43.63 -32.11
C TRP B 242 -18.78 -44.13 -31.52
N PHE B 243 -18.81 -45.40 -31.15
CA PHE B 243 -19.99 -45.93 -30.50
C PHE B 243 -19.64 -46.47 -29.13
N VAL B 244 -20.47 -46.14 -28.15
CA VAL B 244 -20.21 -46.56 -26.77
C VAL B 244 -21.52 -46.98 -26.12
N ARG B 245 -21.44 -47.89 -25.15
CA ARG B 245 -22.62 -48.30 -24.41
C ARG B 245 -22.62 -47.70 -23.02
N SER B 246 -21.45 -47.30 -22.55
CA SER B 246 -21.27 -46.73 -21.22
C SER B 246 -20.47 -45.44 -21.31
N TYR B 247 -20.80 -44.44 -20.50
CA TYR B 247 -20.06 -43.19 -20.55
C TYR B 247 -18.66 -43.34 -19.96
N ASP B 248 -18.42 -44.44 -19.24
CA ASP B 248 -17.08 -44.78 -18.74
C ASP B 248 -16.04 -44.78 -19.86
N GLU B 249 -16.46 -45.26 -21.03
CA GLU B 249 -15.55 -45.36 -22.17
C GLU B 249 -15.08 -44.00 -22.66
N LEU B 250 -15.98 -43.02 -22.66
CA LEU B 250 -15.60 -41.65 -23.04
C LEU B 250 -14.73 -41.04 -21.96
N MET B 251 -15.11 -41.25 -20.70
CA MET B 251 -14.40 -40.67 -19.57
C MET B 251 -12.96 -41.18 -19.48
N ALA B 252 -12.71 -42.36 -20.01
CA ALA B 252 -11.36 -42.91 -19.91
C ALA B 252 -10.41 -42.25 -20.93
N LYS B 253 -10.96 -41.68 -22.00
CA LYS B 253 -10.12 -41.08 -23.04
C LYS B 253 -9.99 -39.56 -22.91
N LEU B 254 -10.65 -38.99 -21.90
CA LEU B 254 -10.44 -37.60 -21.56
C LEU B 254 -8.95 -37.41 -21.23
N LYS B 255 -8.41 -36.23 -21.54
CA LYS B 255 -7.02 -35.93 -21.19
C LYS B 255 -6.78 -36.10 -19.69
N ARG B 256 -5.67 -36.71 -19.29
CA ARG B 256 -5.39 -36.89 -17.87
C ARG B 256 -3.97 -36.54 -17.54
N TYR B 257 -3.76 -35.64 -16.57
CA TYR B 257 -2.41 -35.09 -16.35
C TYR B 257 -1.63 -35.88 -15.31
N LYS B 258 -0.40 -36.23 -15.69
CA LYS B 258 0.56 -36.83 -14.78
C LYS B 258 1.40 -35.70 -14.18
N VAL B 259 1.49 -35.66 -12.85
CA VAL B 259 2.12 -34.55 -12.14
C VAL B 259 3.45 -34.98 -11.56
N THR B 260 4.51 -34.21 -11.81
CA THR B 260 5.67 -34.39 -10.98
C THR B 260 6.12 -33.08 -10.35
N MET B 261 6.52 -33.19 -9.09
CA MET B 261 7.08 -32.10 -8.32
C MET B 261 8.58 -32.10 -8.51
N VAL B 262 9.12 -31.01 -9.03
CA VAL B 262 10.56 -30.86 -9.12
C VAL B 262 11.11 -30.11 -7.91
N GLY B 263 11.58 -30.86 -6.93
CA GLY B 263 12.03 -30.29 -5.66
C GLY B 263 11.51 -31.10 -4.49
N SER B 264 12.24 -31.07 -3.37
CA SER B 264 11.81 -31.91 -2.24
C SER B 264 12.08 -31.31 -0.86
N GLY B 265 12.20 -29.99 -0.76
CA GLY B 265 12.42 -29.35 0.51
C GLY B 265 11.15 -29.25 1.33
N ALA B 266 11.20 -28.41 2.36
CA ALA B 266 10.08 -28.26 3.29
C ALA B 266 8.79 -27.87 2.58
N TRP B 267 8.86 -26.82 1.78
CA TRP B 267 7.66 -26.32 1.11
C TRP B 267 7.26 -27.24 -0.04
N ALA B 268 8.25 -27.80 -0.76
CA ALA B 268 7.91 -28.72 -1.84
C ALA B 268 7.20 -29.96 -1.28
N CYS B 269 7.61 -30.45 -0.11
CA CYS B 269 6.94 -31.59 0.49
C CYS B 269 5.55 -31.26 1.00
N THR B 270 5.37 -30.10 1.61
CA THR B 270 4.02 -29.84 2.11
C THR B 270 3.16 -29.53 0.89
N ALA B 271 3.74 -28.94 -0.16
CA ALA B 271 3.01 -28.74 -1.42
C ALA B 271 2.63 -30.07 -2.06
N VAL B 272 3.60 -30.97 -2.16
CA VAL B 272 3.37 -32.29 -2.72
C VAL B 272 2.27 -33.02 -1.95
N ARG B 273 2.31 -32.96 -0.62
CA ARG B 273 1.25 -33.54 0.23
C ARG B 273 -0.16 -33.04 -0.12
N MET B 274 -0.27 -31.74 -0.43
CA MET B 274 -1.58 -31.17 -0.76
C MET B 274 -2.02 -31.63 -2.14
N VAL B 275 -1.12 -31.52 -3.11
CA VAL B 275 -1.35 -31.98 -4.47
C VAL B 275 -1.81 -33.46 -4.50
N ALA B 276 -1.12 -34.31 -3.74
CA ALA B 276 -1.43 -35.74 -3.73
C ALA B 276 -2.76 -35.99 -3.06
N GLN B 277 -3.16 -35.08 -2.16
CA GLN B 277 -4.48 -35.16 -1.57
C GLN B 277 -5.52 -34.95 -2.67
N SER B 278 -5.24 -34.02 -3.56
CA SER B 278 -6.20 -33.68 -4.61
C SER B 278 -6.30 -34.74 -5.70
N THR B 279 -5.18 -35.34 -6.09
CA THR B 279 -5.24 -36.39 -7.10
C THR B 279 -5.88 -37.65 -6.53
N ALA B 280 -5.62 -37.94 -5.27
CA ALA B 280 -6.26 -39.09 -4.62
C ALA B 280 -7.78 -38.92 -4.55
N GLU B 281 -8.24 -37.68 -4.35
CA GLU B 281 -9.68 -37.44 -4.27
C GLU B 281 -10.28 -37.51 -5.66
N ALA B 282 -9.57 -36.93 -6.62
CA ALA B 282 -10.05 -36.90 -8.01
C ALA B 282 -10.09 -38.31 -8.61
N ALA B 283 -9.09 -39.13 -8.31
CA ALA B 283 -8.99 -40.49 -8.84
C ALA B 283 -10.05 -41.44 -8.29
N GLN B 284 -10.95 -40.94 -7.44
CA GLN B 284 -12.06 -41.74 -6.95
C GLN B 284 -13.22 -41.74 -7.94
N LEU B 285 -13.11 -40.93 -8.99
CA LEU B 285 -14.17 -40.86 -9.99
C LEU B 285 -13.63 -41.25 -11.35
N PRO B 286 -14.52 -41.76 -12.22
CA PRO B 286 -14.12 -42.32 -13.52
C PRO B 286 -13.28 -41.41 -14.40
N GLY B 287 -13.52 -40.11 -14.42
CA GLY B 287 -12.84 -39.30 -15.43
C GLY B 287 -11.87 -38.28 -14.87
N SER B 288 -11.04 -38.73 -13.94
CA SER B 288 -10.17 -37.84 -13.18
C SER B 288 -9.27 -37.00 -14.05
N VAL B 289 -9.23 -35.71 -13.78
CA VAL B 289 -8.29 -34.81 -14.43
C VAL B 289 -6.84 -35.20 -14.12
N PHE B 290 -6.60 -35.88 -13.00
CA PHE B 290 -5.22 -36.20 -12.63
C PHE B 290 -4.98 -37.69 -12.41
N GLU B 291 -3.79 -38.15 -12.78
CA GLU B 291 -3.31 -39.48 -12.37
C GLU B 291 -3.05 -39.45 -10.89
N LYS B 292 -3.42 -40.53 -10.22
CA LYS B 292 -3.38 -40.63 -8.77
C LYS B 292 -1.99 -40.43 -8.22
N GLU B 293 -1.02 -41.11 -8.83
CA GLU B 293 0.34 -41.07 -8.32
C GLU B 293 1.02 -39.75 -8.64
N VAL B 294 1.61 -39.11 -7.64
CA VAL B 294 2.42 -37.91 -7.86
C VAL B 294 3.89 -38.22 -7.71
N THR B 295 4.72 -37.77 -8.63
CA THR B 295 6.13 -38.10 -8.57
C THR B 295 6.91 -36.91 -8.02
N MET B 296 7.89 -37.18 -7.15
CA MET B 296 8.72 -36.13 -6.58
C MET B 296 10.20 -36.38 -6.85
N TRP B 297 10.85 -35.47 -7.57
CA TRP B 297 12.29 -35.50 -7.67
C TRP B 297 12.95 -35.04 -6.39
N VAL B 298 13.67 -35.98 -5.77
CA VAL B 298 14.44 -35.76 -4.57
C VAL B 298 15.92 -35.73 -4.93
N HIS B 299 16.50 -34.54 -4.87
CA HIS B 299 17.92 -34.39 -5.19
C HIS B 299 18.79 -35.18 -4.20
N GLU B 300 19.78 -35.89 -4.71
CA GLU B 300 20.59 -36.70 -3.81
C GLU B 300 21.80 -35.94 -3.27
N GLU B 301 21.89 -35.94 -1.95
CA GLU B 301 22.95 -35.23 -1.22
C GLU B 301 23.97 -36.21 -0.68
N LYS B 302 25.23 -35.77 -0.64
CA LYS B 302 26.31 -36.57 -0.08
C LYS B 302 26.40 -36.41 1.43
N HIS B 303 25.67 -37.27 2.14
CA HIS B 303 25.56 -37.21 3.60
C HIS B 303 24.46 -38.16 4.07
N SER B 304 23.56 -38.49 3.14
CA SER B 304 22.27 -39.10 3.46
C SER B 304 21.28 -39.17 2.30
N GLY B 305 21.55 -40.02 1.30
CA GLY B 305 20.69 -40.03 0.12
C GLY B 305 20.49 -41.38 -0.55
N ARG B 306 21.32 -42.35 -0.19
CA ARG B 306 21.25 -43.69 -0.76
C ARG B 306 19.95 -44.39 -0.34
N ASN B 307 19.50 -44.10 0.89
CA ASN B 307 18.25 -44.65 1.38
C ASN B 307 17.21 -43.58 1.62
N LEU B 308 17.54 -42.33 1.34
CA LEU B 308 16.54 -41.28 1.51
C LEU B 308 15.36 -41.63 0.62
N ILE B 309 15.66 -41.85 -0.66
CA ILE B 309 14.61 -42.14 -1.61
C ILE B 309 13.81 -43.36 -1.16
N GLU B 310 14.51 -44.39 -0.69
CA GLU B 310 13.83 -45.60 -0.25
C GLU B 310 13.02 -45.37 1.04
N TYR B 311 13.55 -44.57 1.96
CA TYR B 311 12.84 -44.23 3.19
C TYR B 311 11.54 -43.49 2.84
N ILE B 312 11.63 -42.52 1.93
CA ILE B 312 10.46 -41.78 1.53
C ILE B 312 9.40 -42.68 0.90
N ASN B 313 9.80 -43.53 -0.02
CA ASN B 313 8.83 -44.40 -0.70
C ASN B 313 8.22 -45.45 0.23
N GLU B 314 8.92 -45.81 1.30
CA GLU B 314 8.38 -46.82 2.18
C GLU B 314 7.66 -46.24 3.41
N ASN B 315 8.12 -45.08 3.87
CA ASN B 315 7.48 -44.50 5.04
C ASN B 315 6.59 -43.32 4.66
N HIS B 316 6.71 -42.87 3.41
CA HIS B 316 5.89 -41.76 2.91
C HIS B 316 6.14 -40.48 3.72
N GLU B 317 7.39 -40.16 3.94
CA GLU B 317 7.72 -39.03 4.80
C GLU B 317 9.16 -38.62 4.51
N ASN B 318 9.36 -37.31 4.32
CA ASN B 318 10.72 -36.82 4.18
C ASN B 318 11.24 -36.42 5.58
N PRO B 319 12.07 -37.28 6.18
CA PRO B 319 12.53 -37.14 7.56
C PRO B 319 13.54 -36.02 7.73
N ILE B 320 14.17 -35.60 6.64
CA ILE B 320 15.12 -34.51 6.73
C ILE B 320 14.42 -33.14 6.65
N TYR B 321 13.54 -32.93 5.68
CA TYR B 321 13.02 -31.58 5.44
C TYR B 321 11.59 -31.38 5.93
N LEU B 322 10.91 -32.45 6.27
CA LEU B 322 9.54 -32.32 6.76
C LEU B 322 9.15 -33.53 7.64
N PRO B 323 9.94 -33.77 8.69
CA PRO B 323 9.74 -34.89 9.62
C PRO B 323 8.42 -34.81 10.33
N GLY B 324 7.82 -35.96 10.60
CA GLY B 324 6.56 -36.00 11.33
C GLY B 324 5.34 -35.88 10.46
N ILE B 325 5.55 -35.58 9.17
CA ILE B 325 4.44 -35.33 8.28
C ILE B 325 4.26 -36.40 7.20
N ASP B 326 3.05 -36.94 7.14
CA ASP B 326 2.69 -37.91 6.14
C ASP B 326 2.44 -37.25 4.78
N LEU B 327 3.35 -37.46 3.84
CA LEU B 327 3.06 -37.14 2.45
C LEU B 327 2.03 -38.20 2.12
N GLY B 328 1.28 -38.10 1.05
CA GLY B 328 0.30 -39.18 0.87
C GLY B 328 0.87 -40.58 0.64
N GLU B 329 -0.02 -41.55 0.46
CA GLU B 329 0.38 -42.89 0.03
C GLU B 329 0.69 -42.94 -1.46
N ASN B 330 0.20 -41.93 -2.18
CA ASN B 330 0.38 -41.84 -3.62
C ASN B 330 1.52 -40.94 -4.04
N VAL B 331 2.51 -40.75 -3.18
CA VAL B 331 3.65 -39.96 -3.58
C VAL B 331 4.80 -40.90 -3.83
N LYS B 332 5.43 -40.78 -5.00
CA LYS B 332 6.57 -41.62 -5.32
C LYS B 332 7.82 -40.79 -5.58
N ALA B 333 8.88 -41.09 -4.84
CA ALA B 333 10.12 -40.32 -4.92
C ALA B 333 11.18 -40.98 -5.81
N THR B 334 11.91 -40.16 -6.55
CA THR B 334 13.04 -40.61 -7.34
C THR B 334 14.12 -39.56 -7.36
N SER B 335 15.37 -39.98 -7.42
CA SER B 335 16.49 -39.03 -7.46
C SER B 335 16.91 -38.74 -8.90
N ASP B 336 16.20 -39.32 -9.86
CA ASP B 336 16.56 -39.07 -11.24
C ASP B 336 15.73 -37.91 -11.79
N LEU B 337 16.37 -36.77 -12.02
CA LEU B 337 15.66 -35.58 -12.47
C LEU B 337 14.97 -35.87 -13.80
N ILE B 338 15.70 -36.42 -14.76
CA ILE B 338 15.15 -36.59 -16.10
C ILE B 338 13.99 -37.57 -16.13
N GLU B 339 14.09 -38.71 -15.46
CA GLU B 339 12.99 -39.66 -15.48
C GLU B 339 11.80 -39.19 -14.63
N ALA B 340 12.05 -38.42 -13.58
CA ALA B 340 10.93 -37.83 -12.83
C ALA B 340 10.05 -37.03 -13.78
N VAL B 341 10.69 -36.31 -14.70
CA VAL B 341 10.01 -35.39 -15.61
C VAL B 341 9.48 -36.05 -16.91
N ARG B 342 10.15 -37.11 -17.37
CA ARG B 342 9.84 -37.75 -18.66
C ARG B 342 8.36 -38.02 -18.86
N GLY B 343 7.71 -38.65 -17.91
CA GLY B 343 6.29 -38.89 -18.18
C GLY B 343 5.34 -37.68 -18.11
N ALA B 344 5.82 -36.54 -17.62
CA ALA B 344 4.96 -35.57 -16.95
C ALA B 344 4.20 -34.59 -17.86
N ASP B 345 2.88 -34.51 -17.70
CA ASP B 345 2.07 -33.48 -18.35
C ASP B 345 2.03 -32.17 -17.53
N ALA B 346 2.21 -32.28 -16.21
CA ALA B 346 2.14 -31.11 -15.32
C ALA B 346 3.36 -31.06 -14.42
N LEU B 347 4.14 -30.00 -14.55
CA LEU B 347 5.35 -29.83 -13.76
C LEU B 347 5.21 -28.74 -12.72
N ILE B 348 5.52 -29.07 -11.46
CA ILE B 348 5.63 -28.08 -10.40
C ILE B 348 7.10 -27.86 -10.07
N PHE B 349 7.58 -26.63 -10.21
CA PHE B 349 8.95 -26.32 -9.86
C PHE B 349 9.00 -25.69 -8.48
N CYS B 350 9.74 -26.31 -7.56
CA CYS B 350 9.82 -25.78 -6.18
C CYS B 350 11.12 -26.20 -5.49
N ALA B 351 12.22 -25.70 -5.97
CA ALA B 351 13.54 -25.97 -5.42
C ALA B 351 14.16 -24.61 -5.09
N PRO B 352 15.12 -24.56 -4.16
CA PRO B 352 15.77 -23.27 -3.85
C PRO B 352 16.23 -22.61 -5.13
N HIS B 353 16.06 -21.29 -5.28
CA HIS B 353 16.16 -20.69 -6.60
C HIS B 353 17.56 -20.69 -7.18
N GLN B 354 18.55 -20.90 -6.32
CA GLN B 354 19.93 -20.86 -6.78
C GLN B 354 20.29 -22.11 -7.59
N PHE B 355 19.38 -23.10 -7.63
CA PHE B 355 19.66 -24.31 -8.38
C PHE B 355 18.74 -24.44 -9.59
N MET B 356 17.76 -23.54 -9.69
CA MET B 356 16.76 -23.65 -10.73
C MET B 356 17.28 -23.49 -12.15
N HIS B 357 18.28 -22.63 -12.33
CA HIS B 357 18.84 -22.43 -13.64
C HIS B 357 19.42 -23.73 -14.17
N GLY B 358 20.34 -24.31 -13.39
CA GLY B 358 20.92 -25.61 -13.67
C GLY B 358 19.89 -26.69 -13.93
N ILE B 359 18.86 -26.73 -13.10
CA ILE B 359 17.78 -27.69 -13.28
C ILE B 359 17.09 -27.48 -14.62
N CYS B 360 16.90 -26.23 -15.00
CA CYS B 360 16.28 -25.91 -16.28
C CYS B 360 17.18 -26.27 -17.48
N LYS B 361 18.47 -25.95 -17.41
CA LYS B 361 19.43 -26.39 -18.43
C LYS B 361 19.43 -27.91 -18.66
N GLN B 362 19.44 -28.70 -17.57
CA GLN B 362 19.46 -30.17 -17.70
C GLN B 362 18.22 -30.74 -18.38
N LEU B 363 17.05 -30.20 -18.07
CA LEU B 363 15.81 -30.72 -18.64
C LEU B 363 15.72 -30.30 -20.10
N ALA B 364 16.25 -29.12 -20.39
CA ALA B 364 16.33 -28.65 -21.76
C ALA B 364 17.22 -29.63 -22.55
N ALA B 365 18.41 -29.93 -22.02
CA ALA B 365 19.36 -30.79 -22.73
C ALA B 365 18.83 -32.21 -22.91
N ALA B 366 18.06 -32.69 -21.94
CA ALA B 366 17.56 -34.06 -22.02
C ALA B 366 16.40 -34.16 -23.00
N ARG B 367 15.97 -33.00 -23.49
CA ARG B 367 14.87 -32.91 -24.45
C ARG B 367 13.66 -33.72 -24.01
N VAL B 368 13.32 -33.61 -22.74
CA VAL B 368 12.25 -34.42 -22.18
C VAL B 368 10.97 -33.61 -21.90
N VAL B 369 11.05 -32.28 -21.97
CA VAL B 369 9.88 -31.43 -21.68
C VAL B 369 9.20 -30.97 -22.97
N GLY B 370 8.03 -31.54 -23.28
CA GLY B 370 7.34 -31.21 -24.52
C GLY B 370 6.62 -29.87 -24.48
N ARG B 371 6.38 -29.28 -25.64
CA ARG B 371 5.76 -27.95 -25.69
C ARG B 371 4.32 -27.95 -25.16
N GLY B 372 3.76 -29.12 -24.91
CA GLY B 372 2.42 -29.20 -24.35
C GLY B 372 2.35 -29.19 -22.82
N VAL B 373 3.50 -29.34 -22.17
CA VAL B 373 3.52 -29.50 -20.72
C VAL B 373 3.04 -28.23 -19.99
N LYS B 374 2.24 -28.40 -18.93
CA LYS B 374 1.79 -27.29 -18.07
C LYS B 374 2.78 -27.10 -16.91
N ALA B 375 3.29 -25.89 -16.70
CA ALA B 375 4.26 -25.65 -15.63
C ALA B 375 3.77 -24.58 -14.65
N ILE B 376 4.12 -24.78 -13.37
CA ILE B 376 3.87 -23.78 -12.32
C ILE B 376 5.06 -23.73 -11.39
N SER B 377 5.43 -22.53 -10.97
CA SER B 377 6.59 -22.36 -10.11
C SER B 377 6.20 -21.81 -8.76
N LEU B 378 6.86 -22.30 -7.72
CA LEU B 378 6.57 -21.95 -6.34
C LEU B 378 7.80 -21.34 -5.74
N THR B 379 8.84 -21.27 -6.56
CA THR B 379 10.13 -20.82 -6.11
C THR B 379 10.17 -19.30 -5.99
N LYS B 380 10.75 -18.80 -4.91
CA LYS B 380 10.93 -17.36 -4.73
C LYS B 380 12.41 -17.08 -4.85
N GLY B 381 12.75 -16.00 -5.55
CA GLY B 381 14.15 -15.68 -5.78
C GLY B 381 14.33 -15.38 -7.26
N MET B 382 15.48 -14.85 -7.63
CA MET B 382 15.72 -14.50 -9.03
C MET B 382 17.13 -14.81 -9.50
N ARG B 383 17.33 -14.75 -10.81
CA ARG B 383 18.66 -14.82 -11.38
C ARG B 383 18.93 -13.49 -12.07
N VAL B 384 20.13 -12.96 -11.95
CA VAL B 384 20.44 -11.72 -12.65
C VAL B 384 20.91 -12.00 -14.06
N ARG B 385 20.19 -11.45 -15.04
CA ARG B 385 20.43 -11.68 -16.46
C ARG B 385 20.37 -10.35 -17.21
N ALA B 386 21.42 -10.04 -17.97
CA ALA B 386 21.45 -8.80 -18.75
C ALA B 386 21.26 -7.62 -17.82
N GLU B 387 21.84 -7.76 -16.62
CA GLU B 387 21.61 -6.90 -15.45
C GLU B 387 20.13 -6.49 -15.27
N GLY B 388 19.24 -7.43 -15.59
CA GLY B 388 17.83 -7.32 -15.27
C GLY B 388 17.44 -8.57 -14.51
N PRO B 389 16.32 -8.53 -13.77
CA PRO B 389 15.92 -9.72 -13.03
C PRO B 389 15.33 -10.78 -13.93
N GLN B 390 15.68 -12.04 -13.70
CA GLN B 390 14.98 -13.14 -14.33
C GLN B 390 14.32 -13.92 -13.22
N LEU B 391 12.99 -13.93 -13.19
CA LEU B 391 12.27 -14.69 -12.16
C LEU B 391 12.09 -16.11 -12.66
N ILE B 392 11.80 -17.03 -11.75
CA ILE B 392 11.83 -18.45 -12.13
C ILE B 392 10.83 -18.79 -13.25
N SER B 393 9.68 -18.12 -13.27
CA SER B 393 8.70 -18.41 -14.30
C SER B 393 9.24 -18.03 -15.66
N GLN B 394 9.94 -16.90 -15.71
CA GLN B 394 10.57 -16.44 -16.93
C GLN B 394 11.68 -17.41 -17.35
N MET B 395 12.40 -17.94 -16.37
CA MET B 395 13.51 -18.85 -16.61
C MET B 395 12.99 -20.11 -17.30
N VAL B 396 11.91 -20.66 -16.74
CA VAL B 396 11.24 -21.80 -17.30
C VAL B 396 10.75 -21.56 -18.72
N SER B 397 10.13 -20.42 -18.95
CA SER B 397 9.56 -20.13 -20.27
C SER B 397 10.66 -20.04 -21.31
N ARG B 398 11.69 -19.29 -21.00
CA ARG B 398 12.75 -19.03 -21.96
C ARG B 398 13.58 -20.27 -22.25
N ILE B 399 13.85 -21.08 -21.23
CA ILE B 399 14.78 -22.19 -21.36
C ILE B 399 14.08 -23.48 -21.73
N LEU B 400 12.84 -23.66 -21.27
CA LEU B 400 12.11 -24.89 -21.52
C LEU B 400 11.02 -24.71 -22.55
N GLY B 401 10.81 -23.48 -23.00
CA GLY B 401 9.83 -23.22 -24.03
C GLY B 401 8.37 -23.47 -23.71
N ILE B 402 7.99 -23.36 -22.44
CA ILE B 402 6.58 -23.50 -22.07
C ILE B 402 6.14 -22.36 -21.16
N ASP B 403 4.84 -22.12 -21.13
CA ASP B 403 4.31 -21.13 -20.21
C ASP B 403 4.43 -21.65 -18.80
N CYS B 404 4.71 -20.74 -17.86
CA CYS B 404 4.81 -21.08 -16.45
C CYS B 404 3.92 -20.16 -15.61
N SER B 405 2.96 -20.74 -14.89
CA SER B 405 2.24 -20.04 -13.84
C SER B 405 3.07 -19.92 -12.54
N VAL B 406 2.52 -19.26 -11.52
CA VAL B 406 3.18 -19.23 -10.23
C VAL B 406 2.16 -19.33 -9.11
N LEU B 407 2.59 -19.93 -8.00
CA LEU B 407 1.81 -19.96 -6.76
C LEU B 407 2.57 -19.19 -5.71
N MET B 408 1.93 -18.18 -5.13
CA MET B 408 2.61 -17.26 -4.22
C MET B 408 1.64 -16.90 -3.11
N GLY B 409 2.12 -16.85 -1.88
CA GLY B 409 1.27 -16.51 -0.76
C GLY B 409 2.02 -16.57 0.54
N ALA B 410 1.32 -16.25 1.62
CA ALA B 410 1.87 -16.33 2.98
C ALA B 410 1.77 -17.78 3.40
N ASN B 411 2.83 -18.52 3.12
CA ASN B 411 2.80 -19.98 3.14
C ASN B 411 3.91 -20.67 3.95
N ILE B 412 4.18 -20.21 5.18
CA ILE B 412 5.14 -20.91 6.06
C ILE B 412 4.81 -22.40 6.06
N ALA B 413 5.76 -23.21 5.62
CA ALA B 413 5.49 -24.61 5.28
C ALA B 413 4.94 -25.42 6.44
N GLY B 414 5.62 -25.40 7.58
CA GLY B 414 5.25 -26.22 8.73
C GLY B 414 3.80 -26.17 9.15
N ASP B 415 3.19 -24.98 9.09
CA ASP B 415 1.80 -24.84 9.53
C ASP B 415 0.83 -25.35 8.48
N ILE B 416 1.22 -25.22 7.21
CA ILE B 416 0.36 -25.72 6.15
C ILE B 416 0.41 -27.23 6.14
N ALA B 417 1.61 -27.77 6.39
CA ALA B 417 1.79 -29.20 6.53
C ALA B 417 0.87 -29.78 7.59
N LYS B 418 0.55 -29.00 8.63
CA LYS B 418 -0.38 -29.43 9.70
C LYS B 418 -1.83 -29.01 9.44
N GLU B 419 -2.09 -28.50 8.24
CA GLU B 419 -3.45 -28.16 7.79
C GLU B 419 -4.07 -26.99 8.52
N GLU B 420 -3.24 -26.03 8.92
CA GLU B 420 -3.74 -24.76 9.41
C GLU B 420 -4.23 -23.90 8.24
N LEU B 421 -5.42 -23.30 8.38
CA LEU B 421 -6.02 -22.51 7.31
C LEU B 421 -5.08 -21.45 6.74
N SER B 422 -4.83 -21.54 5.45
CA SER B 422 -3.92 -20.62 4.81
C SER B 422 -4.44 -20.29 3.42
N GLU B 423 -3.74 -19.38 2.74
CA GLU B 423 -4.23 -18.78 1.52
C GLU B 423 -3.08 -18.59 0.56
N ALA B 424 -3.39 -18.62 -0.74
CA ALA B 424 -2.35 -18.35 -1.72
C ALA B 424 -2.94 -17.82 -3.01
N VAL B 425 -2.13 -17.10 -3.76
CA VAL B 425 -2.53 -16.71 -5.10
C VAL B 425 -1.91 -17.68 -6.12
N ILE B 426 -2.66 -17.99 -7.16
CA ILE B 426 -2.05 -18.59 -8.32
C ILE B 426 -2.17 -17.56 -9.41
N ALA B 427 -1.04 -17.06 -9.86
CA ALA B 427 -1.06 -16.15 -10.99
C ALA B 427 -0.87 -17.01 -12.24
N TYR B 428 -1.87 -17.02 -13.13
CA TYR B 428 -1.91 -17.98 -14.22
C TYR B 428 -1.36 -17.46 -15.54
N ALA B 429 -0.68 -18.36 -16.26
CA ALA B 429 -0.15 -18.09 -17.59
C ALA B 429 -1.28 -17.79 -18.57
N ASN B 430 -2.38 -18.50 -18.38
CA ASN B 430 -3.58 -18.38 -19.19
C ASN B 430 -4.69 -18.91 -18.32
N ARG B 431 -5.91 -18.46 -18.54
CA ARG B 431 -7.02 -18.79 -17.64
C ARG B 431 -7.27 -20.30 -17.55
N GLU B 432 -6.88 -21.01 -18.59
CA GLU B 432 -7.16 -22.44 -18.71
C GLU B 432 -6.25 -23.22 -17.77
N SER B 433 -4.99 -22.80 -17.72
CA SER B 433 -4.05 -23.40 -16.78
C SER B 433 -4.36 -23.00 -15.33
N GLY B 434 -4.70 -21.73 -15.12
CA GLY B 434 -5.09 -21.28 -13.81
C GLY B 434 -6.15 -22.20 -13.23
N SER B 435 -7.11 -22.58 -14.05
CA SER B 435 -8.17 -23.48 -13.58
C SER B 435 -7.65 -24.86 -13.19
N LEU B 436 -6.71 -25.36 -13.97
CA LEU B 436 -6.14 -26.67 -13.70
C LEU B 436 -5.39 -26.66 -12.38
N TRP B 437 -4.55 -25.65 -12.19
CA TRP B 437 -3.72 -25.58 -11.00
C TRP B 437 -4.58 -25.37 -9.75
N GLN B 438 -5.68 -24.64 -9.88
CA GLN B 438 -6.55 -24.46 -8.72
C GLN B 438 -7.20 -25.77 -8.30
N GLN B 439 -7.50 -26.63 -9.27
CA GLN B 439 -8.04 -27.95 -8.96
C GLN B 439 -7.02 -28.84 -8.27
N LEU B 440 -5.75 -28.57 -8.52
CA LEU B 440 -4.68 -29.41 -7.98
C LEU B 440 -4.26 -28.97 -6.57
N PHE B 441 -4.13 -27.66 -6.35
CA PHE B 441 -3.56 -27.17 -5.10
C PHE B 441 -4.60 -26.85 -4.04
N GLN B 442 -5.79 -26.45 -4.46
CA GLN B 442 -6.73 -25.94 -3.49
C GLN B 442 -7.24 -27.06 -2.60
N ARG B 443 -7.12 -26.84 -1.29
CA ARG B 443 -7.59 -27.81 -0.29
C ARG B 443 -8.52 -27.04 0.65
N PRO B 444 -9.34 -27.77 1.42
CA PRO B 444 -10.27 -27.15 2.37
C PRO B 444 -9.56 -26.23 3.36
N TYR B 445 -8.27 -26.46 3.55
CA TYR B 445 -7.48 -25.66 4.46
C TYR B 445 -6.49 -24.76 3.72
N PHE B 446 -6.59 -24.73 2.39
CA PHE B 446 -5.62 -24.00 1.58
C PHE B 446 -6.38 -23.40 0.40
N ALA B 447 -6.84 -22.16 0.59
CA ALA B 447 -7.74 -21.50 -0.35
C ALA B 447 -6.94 -20.77 -1.40
N ILE B 448 -7.37 -20.89 -2.65
CA ILE B 448 -6.62 -20.30 -3.75
C ILE B 448 -7.42 -19.22 -4.47
N ASN B 449 -6.72 -18.15 -4.82
CA ASN B 449 -7.33 -17.03 -5.49
C ASN B 449 -6.64 -16.90 -6.84
N LEU B 450 -7.41 -16.87 -7.92
CA LEU B 450 -6.80 -16.82 -9.26
C LEU B 450 -6.57 -15.40 -9.71
N LEU B 451 -5.43 -15.15 -10.32
CA LEU B 451 -4.99 -13.82 -10.62
C LEU B 451 -4.19 -13.83 -11.92
N ALA B 452 -4.46 -12.89 -12.82
CA ALA B 452 -3.76 -12.84 -14.11
C ALA B 452 -2.35 -12.24 -14.04
N ASP B 453 -2.05 -11.58 -12.93
CA ASP B 453 -0.83 -10.79 -12.80
C ASP B 453 0.36 -11.60 -12.30
N VAL B 454 1.03 -12.32 -13.20
CA VAL B 454 2.21 -13.12 -12.86
C VAL B 454 3.44 -12.30 -12.45
N PRO B 455 3.80 -11.27 -13.22
CA PRO B 455 4.99 -10.54 -12.78
C PRO B 455 4.83 -9.90 -11.40
N GLY B 456 3.64 -9.45 -11.05
CA GLY B 456 3.43 -8.85 -9.74
C GLY B 456 3.52 -9.85 -8.61
N ALA B 457 2.71 -10.91 -8.68
CA ALA B 457 2.70 -11.92 -7.63
C ALA B 457 4.06 -12.58 -7.47
N GLU B 458 4.80 -12.75 -8.57
CA GLU B 458 6.07 -13.45 -8.50
C GLU B 458 7.18 -12.54 -7.96
N MET B 459 7.15 -11.27 -8.32
CA MET B 459 8.18 -10.33 -7.84
C MET B 459 7.99 -10.00 -6.34
N CYS B 460 6.74 -9.91 -5.92
CA CYS B 460 6.41 -9.80 -4.49
C CYS B 460 6.93 -10.98 -3.66
N GLY B 461 6.68 -12.20 -4.15
CA GLY B 461 7.14 -13.39 -3.47
C GLY B 461 8.64 -13.40 -3.33
N THR B 462 9.31 -12.93 -4.37
CA THR B 462 10.77 -12.84 -4.38
C THR B 462 11.33 -11.70 -3.52
N LEU B 463 10.71 -10.52 -3.57
CA LEU B 463 11.29 -9.36 -2.88
C LEU B 463 11.03 -9.39 -1.37
N LYS B 464 9.93 -10.00 -0.97
CA LYS B 464 9.52 -10.10 0.43
C LYS B 464 10.62 -10.62 1.35
N ASN B 465 11.43 -11.54 0.85
CA ASN B 465 12.45 -12.15 1.72
C ASN B 465 13.55 -11.16 2.09
N ILE B 466 13.81 -10.19 1.22
CA ILE B 466 14.72 -9.12 1.61
C ILE B 466 14.21 -8.35 2.85
N VAL B 467 12.96 -7.90 2.81
CA VAL B 467 12.39 -7.14 3.90
C VAL B 467 12.34 -8.00 5.18
N ALA B 468 12.01 -9.29 5.04
CA ALA B 468 12.04 -10.22 6.17
C ALA B 468 13.39 -10.25 6.86
N VAL B 469 14.46 -10.26 6.09
CA VAL B 469 15.80 -10.15 6.67
C VAL B 469 15.99 -8.82 7.45
N GLY B 470 15.49 -7.73 6.90
CA GLY B 470 15.60 -6.46 7.62
C GLY B 470 14.75 -6.48 8.87
N ALA B 471 13.57 -7.09 8.80
CA ALA B 471 12.72 -7.25 9.97
C ALA B 471 13.41 -8.05 11.06
N GLY B 472 14.02 -9.17 10.69
CA GLY B 472 14.80 -9.95 11.66
C GLY B 472 15.95 -9.18 12.27
N ILE B 473 16.57 -8.30 11.48
CA ILE B 473 17.64 -7.46 12.01
C ILE B 473 17.08 -6.53 13.09
N GLY B 474 15.93 -5.91 12.81
CA GLY B 474 15.30 -5.05 13.79
C GLY B 474 14.92 -5.81 15.04
N ASP B 475 14.41 -7.04 14.87
CA ASP B 475 14.06 -7.89 16.00
C ASP B 475 15.26 -8.19 16.88
N GLY B 476 16.40 -8.48 16.25
CA GLY B 476 17.62 -8.76 16.97
C GLY B 476 18.14 -7.53 17.70
N LEU B 477 17.68 -6.34 17.29
CA LEU B 477 18.05 -5.12 17.98
C LEU B 477 17.06 -4.77 19.08
N GLY B 478 15.96 -5.52 19.18
CA GLY B 478 14.95 -5.25 20.19
C GLY B 478 14.04 -4.09 19.83
N VAL B 479 14.16 -3.63 18.60
CA VAL B 479 13.24 -2.66 18.00
C VAL B 479 11.78 -2.93 18.37
N GLY B 480 11.02 -1.88 18.67
CA GLY B 480 9.64 -2.03 19.06
C GLY B 480 8.72 -2.11 17.87
N PRO B 481 7.42 -2.35 18.11
CA PRO B 481 6.42 -2.56 17.06
C PRO B 481 6.16 -1.34 16.15
N ASN B 482 6.20 -0.11 16.65
CA ASN B 482 6.18 1.05 15.75
C ASN B 482 7.31 0.94 14.76
N SER B 483 8.50 0.72 15.30
CA SER B 483 9.71 0.75 14.51
C SER B 483 9.74 -0.38 13.47
N LYS B 484 9.31 -1.57 13.87
CA LYS B 484 9.28 -2.71 12.96
C LYS B 484 8.27 -2.48 11.85
N ALA B 485 7.13 -1.89 12.20
CA ALA B 485 6.11 -1.53 11.20
C ALA B 485 6.61 -0.45 10.19
N SER B 486 7.61 0.33 10.57
CA SER B 486 8.21 1.25 9.61
C SER B 486 9.08 0.52 8.61
N ILE B 487 9.84 -0.45 9.11
CA ILE B 487 10.63 -1.31 8.24
C ILE B 487 9.71 -1.98 7.21
N LEU B 488 8.60 -2.52 7.68
CA LEU B 488 7.63 -3.17 6.79
C LEU B 488 6.97 -2.19 5.81
N ARG B 489 6.59 -1.01 6.30
CA ARG B 489 5.98 -0.01 5.42
C ARG B 489 6.97 0.44 4.33
N GLN B 490 8.20 0.76 4.72
CA GLN B 490 9.20 1.16 3.73
C GLN B 490 9.54 -0.03 2.80
N GLY B 491 9.68 -1.21 3.39
CA GLY B 491 9.89 -2.44 2.62
C GLY B 491 8.84 -2.71 1.56
N LEU B 492 7.58 -2.74 1.95
CA LEU B 492 6.47 -2.91 1.03
C LEU B 492 6.50 -1.85 -0.06
N SER B 493 6.79 -0.62 0.37
CA SER B 493 6.89 0.47 -0.56
C SER B 493 7.96 0.24 -1.63
N GLU B 494 9.13 -0.24 -1.23
CA GLU B 494 10.22 -0.42 -2.18
C GLU B 494 9.92 -1.64 -3.07
N MET B 495 9.22 -2.62 -2.52
CA MET B 495 8.76 -3.77 -3.30
C MET B 495 7.91 -3.32 -4.48
N ARG B 496 6.92 -2.49 -4.16
CA ARG B 496 5.96 -1.98 -5.14
C ARG B 496 6.68 -1.10 -6.18
N LYS B 497 7.58 -0.24 -5.74
CA LYS B 497 8.35 0.60 -6.65
C LYS B 497 9.24 -0.20 -7.60
N PHE B 498 9.92 -1.24 -7.09
CA PHE B 498 10.79 -2.06 -7.92
C PHE B 498 9.96 -2.80 -8.96
N CYS B 499 8.80 -3.29 -8.53
CA CYS B 499 7.86 -4.01 -9.39
C CYS B 499 7.44 -3.17 -10.56
N LYS B 500 7.12 -1.91 -10.28
CA LYS B 500 6.62 -1.03 -11.31
C LYS B 500 7.75 -0.58 -12.23
N PHE B 501 8.95 -0.37 -11.69
CA PHE B 501 10.11 -0.06 -12.52
C PHE B 501 10.42 -1.22 -13.49
N ILE B 502 10.38 -2.46 -12.99
CA ILE B 502 10.68 -3.64 -13.80
C ILE B 502 9.50 -4.04 -14.70
N SER B 503 8.29 -4.00 -14.17
CA SER B 503 7.11 -4.43 -14.92
C SER B 503 5.92 -3.49 -14.76
N PRO B 504 5.86 -2.43 -15.57
CA PRO B 504 4.81 -1.40 -15.48
C PRO B 504 3.38 -1.95 -15.57
N SER B 505 3.24 -3.21 -15.97
CA SER B 505 1.90 -3.81 -16.13
C SER B 505 1.27 -4.20 -14.79
N VAL B 506 2.10 -4.34 -13.76
CA VAL B 506 1.65 -4.75 -12.42
C VAL B 506 0.55 -3.84 -11.89
N ARG B 507 -0.59 -4.43 -11.52
CA ARG B 507 -1.70 -3.67 -10.94
C ARG B 507 -1.58 -3.56 -9.43
N ASP B 508 -1.88 -2.37 -8.91
CA ASP B 508 -1.83 -2.08 -7.47
C ASP B 508 -2.62 -3.10 -6.65
N ASP B 509 -3.69 -3.63 -7.24
CA ASP B 509 -4.57 -4.54 -6.50
C ASP B 509 -3.83 -5.80 -6.10
N THR B 510 -2.76 -6.10 -6.84
CA THR B 510 -1.95 -7.29 -6.62
C THR B 510 -1.21 -7.23 -5.27
N PHE B 511 -0.82 -6.04 -4.85
CA PHE B 511 -0.08 -5.93 -3.59
C PHE B 511 -0.96 -6.19 -2.39
N PHE B 512 -2.28 -6.12 -2.58
CA PHE B 512 -3.23 -6.38 -1.52
C PHE B 512 -3.65 -7.83 -1.46
N GLU B 513 -3.10 -8.63 -2.36
CA GLU B 513 -3.44 -10.06 -2.39
C GLU B 513 -2.51 -10.80 -1.45
N SER B 514 -2.78 -12.09 -1.24
CA SER B 514 -1.98 -12.88 -0.32
C SER B 514 -0.51 -12.90 -0.72
N CYS B 515 -0.23 -12.73 -2.01
CA CYS B 515 1.14 -12.76 -2.51
C CYS B 515 1.92 -11.53 -2.12
N GLY B 516 1.20 -10.46 -1.77
CA GLY B 516 1.87 -9.19 -1.49
C GLY B 516 2.01 -8.98 0.00
N VAL B 517 1.13 -8.13 0.53
CA VAL B 517 1.06 -7.80 1.93
C VAL B 517 1.03 -8.99 2.90
N ALA B 518 0.21 -9.99 2.60
CA ALA B 518 0.12 -11.15 3.50
C ALA B 518 1.47 -11.84 3.67
N ASP B 519 2.08 -12.27 2.57
CA ASP B 519 3.36 -12.99 2.60
C ASP B 519 4.45 -12.14 3.26
N LEU B 520 4.50 -10.84 2.98
CA LEU B 520 5.52 -10.01 3.63
C LEU B 520 5.33 -9.99 5.16
N ILE B 521 4.09 -9.96 5.63
CA ILE B 521 3.77 -9.98 7.06
C ILE B 521 4.05 -11.33 7.72
N ALA B 522 3.50 -12.42 7.16
CA ALA B 522 3.82 -13.76 7.63
C ALA B 522 5.32 -13.99 7.73
N SER B 523 6.06 -13.64 6.68
CA SER B 523 7.51 -13.93 6.69
C SER B 523 8.29 -12.96 7.57
N SER B 524 7.74 -11.76 7.84
CA SER B 524 8.47 -10.84 8.71
C SER B 524 8.28 -11.16 10.20
N TYR B 525 7.28 -11.97 10.52
CA TYR B 525 7.04 -12.37 11.92
C TYR B 525 7.19 -13.87 12.19
N GLY B 526 7.37 -14.67 11.15
CA GLY B 526 7.34 -16.11 11.33
C GLY B 526 8.19 -16.94 10.37
N GLY B 527 8.93 -16.28 9.49
CA GLY B 527 9.70 -17.01 8.49
C GLY B 527 11.12 -17.32 8.90
N ARG B 528 11.76 -18.16 8.09
CA ARG B 528 13.15 -18.59 8.32
C ARG B 528 14.12 -17.43 8.19
N ASN B 529 13.84 -16.54 7.25
CA ASN B 529 14.75 -15.41 7.03
C ASN B 529 14.74 -14.47 8.23
N ARG B 530 13.58 -14.25 8.83
CA ARG B 530 13.48 -13.43 10.04
C ARG B 530 14.28 -14.05 11.19
N ARG B 531 14.05 -15.33 11.42
CA ARG B 531 14.72 -16.07 12.49
C ARG B 531 16.24 -16.02 12.40
N VAL B 532 16.79 -16.36 11.24
CA VAL B 532 18.23 -16.35 11.07
C VAL B 532 18.79 -14.93 11.15
N ALA B 533 18.10 -13.99 10.49
CA ALA B 533 18.50 -12.58 10.53
C ALA B 533 18.54 -12.09 11.98
N GLU B 534 17.57 -12.51 12.78
CA GLU B 534 17.55 -12.16 14.20
C GLU B 534 18.79 -12.66 14.95
N ALA B 535 19.07 -13.95 14.81
CA ALA B 535 20.18 -14.56 15.51
C ALA B 535 21.45 -13.84 15.10
N TRP B 536 21.55 -13.50 13.82
CA TRP B 536 22.73 -12.84 13.28
C TRP B 536 22.96 -11.46 13.92
N ALA B 537 21.90 -10.66 14.01
CA ALA B 537 22.05 -9.33 14.58
C ALA B 537 22.29 -9.35 16.11
N GLN B 538 21.65 -10.29 16.81
CA GLN B 538 21.90 -10.47 18.25
C GLN B 538 23.38 -10.71 18.54
N LYS B 539 24.00 -11.56 17.73
CA LYS B 539 25.41 -11.89 17.87
C LYS B 539 26.32 -10.73 17.48
N ARG B 540 26.00 -10.06 16.37
CA ARG B 540 26.73 -8.87 15.94
C ARG B 540 26.84 -7.86 17.06
N ILE B 541 25.70 -7.38 17.53
CA ILE B 541 25.68 -6.33 18.53
C ILE B 541 26.35 -6.81 19.81
N ALA B 542 26.17 -8.08 20.14
CA ALA B 542 26.83 -8.68 21.29
C ALA B 542 28.32 -8.94 21.04
N GLY B 543 28.85 -8.39 19.94
CA GLY B 543 30.29 -8.39 19.74
C GLY B 543 30.89 -9.43 18.82
N ASP B 544 30.09 -10.36 18.31
CA ASP B 544 30.60 -11.34 17.35
C ASP B 544 30.45 -10.85 15.92
N ASP B 545 31.55 -10.44 15.30
CA ASP B 545 31.45 -10.05 13.89
C ASP B 545 32.22 -11.01 13.00
N GLN B 546 32.39 -12.23 13.47
CA GLN B 546 32.88 -13.29 12.61
C GLN B 546 31.71 -14.15 12.14
N VAL B 547 30.55 -13.99 12.78
CA VAL B 547 29.40 -14.80 12.41
C VAL B 547 28.89 -14.45 11.03
N THR B 548 28.38 -15.46 10.33
CA THR B 548 27.98 -15.33 8.94
C THR B 548 26.59 -15.93 8.75
N PHE B 549 25.87 -15.51 7.72
CA PHE B 549 24.59 -16.12 7.39
C PHE B 549 24.75 -17.54 6.88
N GLU B 550 25.86 -17.83 6.22
CA GLU B 550 26.18 -19.19 5.81
C GLU B 550 26.35 -20.07 7.04
N LYS B 551 27.11 -19.60 8.02
CA LYS B 551 27.31 -20.36 9.23
C LYS B 551 25.97 -20.66 9.89
N LEU B 552 25.16 -19.62 10.04
CA LEU B 552 23.91 -19.73 10.76
C LEU B 552 22.94 -20.61 10.00
N GLU B 553 22.91 -20.49 8.67
CA GLU B 553 22.10 -21.36 7.84
C GLU B 553 22.40 -22.83 8.16
N LYS B 554 23.69 -23.16 8.21
CA LYS B 554 24.15 -24.51 8.51
C LYS B 554 23.77 -24.97 9.92
N GLU B 555 23.97 -24.08 10.90
CA GLU B 555 23.65 -24.41 12.30
C GLU B 555 22.16 -24.47 12.58
N MET B 556 21.40 -23.57 11.99
CA MET B 556 20.02 -23.36 12.43
C MET B 556 18.98 -24.03 11.55
N LEU B 557 19.31 -24.29 10.29
CA LEU B 557 18.24 -24.53 9.32
C LEU B 557 18.04 -26.01 8.90
N ASN B 558 18.95 -26.90 9.31
CA ASN B 558 18.76 -28.35 9.08
C ASN B 558 18.65 -28.81 7.64
N GLY B 559 19.48 -28.24 6.78
CA GLY B 559 19.41 -28.58 5.37
C GLY B 559 18.71 -27.52 4.52
N GLN B 560 17.69 -26.88 5.08
CA GLN B 560 16.93 -25.87 4.35
C GLN B 560 17.77 -24.63 3.97
N LYS B 561 17.34 -23.91 2.93
CA LYS B 561 18.14 -22.84 2.33
C LYS B 561 17.63 -21.40 2.59
N LEU B 562 18.56 -20.49 2.79
CA LEU B 562 18.27 -19.07 3.09
C LEU B 562 18.15 -18.16 1.84
N GLN B 563 16.92 -17.90 1.40
CA GLN B 563 16.71 -17.14 0.16
C GLN B 563 16.82 -15.60 0.28
N GLY B 564 16.66 -15.05 1.48
CA GLY B 564 16.66 -13.60 1.67
C GLY B 564 17.98 -12.88 1.41
N VAL B 565 19.08 -13.45 1.88
CA VAL B 565 20.39 -12.86 1.67
C VAL B 565 20.86 -12.96 0.21
N LEU B 566 20.67 -14.13 -0.39
CA LEU B 566 20.92 -14.29 -1.82
C LEU B 566 20.11 -13.28 -2.63
N THR B 567 18.82 -13.14 -2.34
CA THR B 567 17.96 -12.25 -3.08
C THR B 567 18.32 -10.78 -2.86
N SER B 568 18.75 -10.44 -1.65
CA SER B 568 19.26 -9.10 -1.39
C SER B 568 20.48 -8.83 -2.29
N ASP B 569 21.37 -9.82 -2.43
CA ASP B 569 22.58 -9.66 -3.25
C ASP B 569 22.22 -9.53 -4.73
N GLU B 570 21.22 -10.30 -5.16
CA GLU B 570 20.76 -10.26 -6.55
C GLU B 570 20.18 -8.89 -6.88
N VAL B 571 19.22 -8.44 -6.08
CA VAL B 571 18.64 -7.12 -6.29
C VAL B 571 19.71 -6.02 -6.26
N GLN B 572 20.66 -6.12 -5.32
CA GLN B 572 21.66 -5.08 -5.17
C GLN B 572 22.59 -4.97 -6.39
N GLU B 573 22.78 -6.08 -7.09
CA GLU B 573 23.56 -6.11 -8.32
C GLU B 573 22.82 -5.30 -9.35
N ILE B 574 21.51 -5.54 -9.42
CA ILE B 574 20.64 -4.79 -10.32
C ILE B 574 20.58 -3.31 -9.95
N LEU B 575 20.57 -3.01 -8.66
CA LEU B 575 20.54 -1.62 -8.22
C LEU B 575 21.83 -0.93 -8.61
N HIS B 576 22.96 -1.59 -8.37
CA HIS B 576 24.26 -1.01 -8.69
C HIS B 576 24.45 -0.83 -10.20
N ALA B 577 23.80 -1.66 -11.01
CA ALA B 577 23.92 -1.53 -12.46
C ALA B 577 23.15 -0.33 -12.99
N ARG B 578 21.94 -0.12 -12.50
CA ARG B 578 21.04 0.90 -13.03
C ARG B 578 21.17 2.23 -12.31
N GLY B 579 22.10 2.32 -11.34
CA GLY B 579 22.26 3.52 -10.54
C GLY B 579 21.04 3.80 -9.67
N TRP B 580 20.43 2.74 -9.14
CA TRP B 580 19.20 2.85 -8.35
C TRP B 580 19.40 2.75 -6.83
N GLU B 581 20.64 2.69 -6.36
CA GLU B 581 20.89 2.37 -4.96
C GLU B 581 20.15 3.28 -4.02
N LEU B 582 20.14 4.58 -4.32
CA LEU B 582 19.46 5.57 -3.48
C LEU B 582 17.97 5.64 -3.75
N GLU B 583 17.53 5.04 -4.84
CA GLU B 583 16.10 4.97 -5.10
C GLU B 583 15.43 3.99 -4.12
N PHE B 584 16.23 3.07 -3.56
CA PHE B 584 15.75 2.02 -2.67
C PHE B 584 16.59 2.00 -1.39
N PRO B 585 16.43 3.01 -0.52
CA PRO B 585 17.37 3.06 0.60
C PRO B 585 17.23 1.91 1.61
N LEU B 586 16.04 1.32 1.79
CA LEU B 586 15.95 0.21 2.75
C LEU B 586 16.67 -1.02 2.18
N PHE B 587 16.42 -1.34 0.91
CA PHE B 587 17.10 -2.48 0.25
C PHE B 587 18.60 -2.31 0.38
N THR B 588 19.08 -1.11 0.07
CA THR B 588 20.51 -0.84 0.10
C THR B 588 21.11 -0.93 1.49
N THR B 589 20.41 -0.33 2.46
CA THR B 589 20.83 -0.43 3.85
C THR B 589 20.91 -1.88 4.31
N ILE B 590 19.91 -2.68 3.98
CA ILE B 590 19.92 -4.10 4.33
C ILE B 590 21.10 -4.86 3.75
N ASN B 591 21.42 -4.61 2.49
CA ASN B 591 22.56 -5.27 1.85
C ASN B 591 23.88 -4.79 2.45
N ARG B 592 23.97 -3.49 2.70
CA ARG B 592 25.17 -2.93 3.31
C ARG B 592 25.38 -3.42 4.74
N ILE B 593 24.29 -3.67 5.45
CA ILE B 593 24.39 -4.29 6.77
C ILE B 593 24.86 -5.75 6.69
N ILE B 594 24.26 -6.53 5.79
CA ILE B 594 24.61 -7.94 5.62
C ILE B 594 26.11 -8.11 5.41
N HIS B 595 26.67 -7.26 4.57
CA HIS B 595 28.10 -7.19 4.37
C HIS B 595 28.62 -6.15 5.37
N GLY B 596 29.91 -5.92 5.44
CA GLY B 596 30.36 -5.22 6.65
C GLY B 596 30.20 -3.72 6.72
N GLU B 597 29.48 -3.13 5.77
CA GLU B 597 29.63 -1.69 5.53
C GLU B 597 28.88 -0.75 6.49
N VAL B 598 27.77 -1.22 7.03
CA VAL B 598 26.93 -0.39 7.88
C VAL B 598 26.56 -1.19 9.13
N PRO B 599 26.64 -0.56 10.32
CA PRO B 599 26.28 -1.28 11.54
C PRO B 599 24.80 -1.61 11.55
N PRO B 600 24.43 -2.77 12.10
CA PRO B 600 23.02 -3.18 12.17
C PRO B 600 22.12 -2.13 12.81
N THR B 601 22.69 -1.30 13.69
CA THR B 601 21.87 -0.33 14.43
C THR B 601 21.31 0.75 13.53
N MET B 602 21.86 0.87 12.32
CA MET B 602 21.39 1.88 11.37
C MET B 602 20.14 1.44 10.57
N ILE B 603 19.60 0.25 10.88
CA ILE B 603 18.45 -0.28 10.12
C ILE B 603 17.24 0.65 10.08
N LEU B 604 16.98 1.40 11.15
CA LEU B 604 15.84 2.29 11.15
C LEU B 604 16.20 3.65 10.54
N ARG B 605 17.49 3.87 10.33
CA ARG B 605 17.92 5.10 9.70
C ARG B 605 18.43 4.87 8.27
N TYR B 606 17.65 4.12 7.50
CA TYR B 606 18.04 3.72 6.14
C TYR B 606 18.22 4.89 5.17
N ARG B 607 17.43 5.94 5.36
CA ARG B 607 17.46 7.10 4.46
C ARG B 607 18.87 7.68 4.43
N VAL B 608 19.50 7.75 5.60
CA VAL B 608 20.86 8.21 5.70
C VAL B 608 21.86 7.07 5.48
N ALA B 609 21.53 5.90 6.02
CA ALA B 609 22.43 4.74 5.94
C ALA B 609 22.74 4.27 4.51
N CYS B 610 21.81 4.49 3.57
CA CYS B 610 22.01 3.94 2.23
C CYS B 610 23.26 4.52 1.57
N SER B 611 23.55 5.78 1.89
CA SER B 611 24.68 6.49 1.29
C SER B 611 25.79 6.89 2.27
N MET B 612 25.65 6.56 3.56
CA MET B 612 26.73 6.88 4.51
C MET B 612 28.02 6.14 4.16
N PRO B 613 29.18 6.69 4.53
CA PRO B 613 30.47 6.02 4.26
C PRO B 613 30.58 4.76 5.10
N SER B 614 31.38 3.80 4.67
CA SER B 614 31.32 2.44 5.21
C SER B 614 31.80 2.25 6.66
N MET B 615 32.54 1.17 6.91
CA MET B 615 32.76 0.64 8.26
C MET B 615 31.44 0.11 8.85
PA NAD C . -6.38 6.90 26.67
O1A NAD C . -5.09 6.90 27.40
O2A NAD C . -6.69 5.60 25.95
O5B NAD C . -7.61 7.19 27.68
C5B NAD C . -7.39 7.88 28.93
C4B NAD C . -8.14 9.24 28.89
O4B NAD C . -9.43 9.04 28.90
C3B NAD C . -7.87 9.99 30.20
O3B NAD C . -6.98 11.01 30.04
C2B NAD C . -9.24 10.55 30.62
O2B NAD C . -9.08 11.98 31.00
C1B NAD C . -9.97 10.39 29.57
N9A NAD C . -11.31 10.26 29.94
C8A NAD C . -11.89 9.33 30.75
N7A NAD C . -13.20 9.62 30.82
C5A NAD C . -13.45 10.74 30.09
C6A NAD C . -14.60 11.46 29.85
N6A NAD C . -15.90 11.19 30.35
N1A NAD C . -14.56 12.54 29.05
C2A NAD C . -13.37 12.92 28.50
N3A NAD C . -12.24 12.22 28.74
C4A NAD C . -12.29 11.13 29.55
O3 NAD C . -6.32 8.11 25.60
PN NAD C . -5.25 8.31 24.42
O1N NAD C . -4.13 7.29 24.52
O2N NAD C . -4.67 9.70 24.45
O5D NAD C . -6.01 8.01 23.06
C5D NAD C . -7.00 8.90 22.58
C4D NAD C . -7.05 8.72 21.05
O4D NAD C . -5.84 8.56 20.56
C3D NAD C . -7.80 7.45 20.74
O3D NAD C . -8.70 7.69 19.77
C2D NAD C . -6.71 6.45 20.24
O2D NAD C . -7.37 5.48 19.33
C1D NAD C . -5.85 7.23 19.65
N1N NAD C . -4.49 6.72 19.59
C2N NAD C . -3.88 6.11 20.67
C3N NAD C . -2.58 5.63 20.56
C7N NAD C . -1.94 4.92 21.78
O7N NAD C . -0.93 4.26 21.65
N7N NAD C . -2.57 5.08 23.07
C4N NAD C . -1.86 5.78 19.39
C5N NAD C . -2.44 6.43 18.32
C6N NAD C . -3.75 6.90 18.44
H51A NAD C . -6.44 8.04 29.05
H52A NAD C . -7.73 7.34 29.67
H4B NAD C . -7.87 9.77 28.11
H3B NAD C . -7.54 9.37 30.88
HO3A NAD C . -6.32 10.91 30.62
H2B NAD C . -9.60 10.02 31.37
HO2A NAD C . -8.44 12.34 30.52
H1B NAD C . -9.86 11.17 28.94
H8A NAD C . -11.43 8.57 31.18
H61A NAD C . -16.64 11.54 29.92
H62A NAD C . -16.00 10.67 31.10
H2A NAD C . -13.49 13.72 27.96
H51N NAD C . -7.87 8.68 22.97
H52N NAD C . -6.76 9.82 22.79
H4D NAD C . -7.49 9.49 20.64
H3D NAD C . -8.24 7.09 21.55
HO3N NAD C . -9.37 7.12 19.84
H2D NAD C . -6.29 5.99 20.98
HO2N NAD C . -7.57 5.87 18.57
H1D NAD C . -6.15 7.45 18.75
H2N NAD C . -4.39 5.97 21.51
H71N NAD C . -2.21 4.67 23.81
H72N NAD C . -3.32 5.58 23.15
H4N NAD C . -0.93 5.46 19.34
H5N NAD C . -1.94 6.55 17.49
H6N NAD C . -4.17 7.34 17.67
P 13P D . -4.45 0.46 20.26
O1P 13P D . -3.94 0.73 18.85
O2P 13P D . -3.24 0.51 21.15
O3P 13P D . -5.08 -0.91 20.26
O1 13P D . -5.52 1.49 20.82
C1 13P D . -6.15 2.46 20.02
C2 13P D . -5.05 3.15 19.29
O2 13P D . -3.96 3.26 19.81
C3 13P D . -5.27 3.70 17.90
O3 13P D . -4.10 3.45 17.14
H11 13P D . -6.64 3.10 20.58
H12 13P D . -6.76 2.03 19.38
H31 13P D . -6.03 3.25 17.48
H32 13P D . -5.44 4.66 17.96
HO3 13P D . -3.48 4.05 17.34
C1 GOL E . 15.14 52.57 -5.46
O1 GOL E . 14.32 53.72 -5.37
C2 GOL E . 15.21 52.08 -6.90
O2 GOL E . 16.45 51.44 -7.09
C3 GOL E . 14.05 51.14 -7.22
O3 GOL E . 14.42 49.78 -7.12
MG MG F . 14.06 51.24 -3.04
PA NAD G . 14.38 -26.16 1.52
O1A NAD G . 15.04 -24.83 1.78
O2A NAD G . 13.51 -26.62 2.66
O5B NAD G . 15.48 -27.33 1.30
C5B NAD G . 16.65 -27.13 0.52
C4B NAD G . 16.57 -28.15 -0.67
O4B NAD G . 17.55 -27.88 -1.50
C3B NAD G . 16.84 -29.63 -0.32
O3B NAD G . 15.69 -30.37 -0.36
C2B NAD G . 17.79 -30.11 -1.46
O2B NAD G . 17.43 -31.51 -1.89
C1B NAD G . 17.55 -29.22 -2.38
N9A NAD G . 18.47 -29.15 -3.49
C8A NAD G . 18.20 -29.21 -4.83
N7A NAD G . 19.35 -29.11 -5.53
C5A NAD G . 20.35 -29.00 -4.61
C6A NAD G . 21.72 -28.86 -4.72
N6A NAD G . 22.43 -28.83 -5.95
N1A NAD G . 22.49 -28.76 -3.64
C2A NAD G . 21.92 -28.78 -2.39
N3A NAD G . 20.58 -28.90 -2.24
C4A NAD G . 19.81 -29.01 -3.35
O3 NAD G . 13.44 -26.16 0.25
PN NAD G . 11.95 -25.59 0.11
O1N NAD G . 10.94 -26.54 -0.53
O2N NAD G . 11.38 -25.06 1.41
O5D NAD G . 12.23 -24.43 -0.93
C5D NAD G . 11.18 -23.54 -0.90
C4D NAD G . 11.21 -22.69 -2.14
O4D NAD G . 10.02 -22.19 -2.16
C3D NAD G . 12.15 -21.52 -1.91
O3D NAD G . 12.32 -20.80 -3.03
C2D NAD G . 11.34 -20.68 -0.88
O2D NAD G . 11.82 -19.27 -0.99
C1D NAD G . 10.08 -20.86 -1.23
N1N NAD G . 9.12 -21.02 -0.15
C2N NAD G . 9.40 -21.64 1.07
C3N NAD G . 8.41 -21.73 2.06
C7N NAD G . 8.75 -22.42 3.41
O7N NAD G . 8.03 -22.29 4.37
N7N NAD G . 9.93 -23.25 3.51
C4N NAD G . 7.16 -21.22 1.83
C5N NAD G . 6.87 -20.63 0.62
C6N NAD G . 7.85 -20.53 -0.36
H51A NAD G . 17.44 -27.30 1.06
H52A NAD G . 16.66 -26.21 0.18
H4B NAD G . 15.71 -28.06 -1.13
H3B NAD G . 17.27 -29.71 0.55
HO3A NAD G . 15.80 -31.12 0.11
H2B NAD G . 18.73 -30.06 -1.17
HO2A NAD G . 16.83 -31.47 -2.52
H1B NAD G . 16.64 -29.38 -2.75
H8A NAD G . 17.29 -29.31 -5.23
H61A NAD G . 22.63 -29.61 -6.39
H62A NAD G . 22.70 -28.02 -6.30
H2A NAD G . 22.62 -28.69 -1.71
H51N NAD G . 10.34 -24.05 -0.87
H52N NAD G . 11.25 -22.97 -0.11
H4D NAD G . 11.43 -23.19 -2.96
H3D NAD G . 13.01 -21.82 -1.53
HO3N NAD G . 11.54 -20.45 -3.27
H2D NAD G . 11.49 -21.02 0.02
HO2N NAD G . 12.08 -18.99 -0.20
H1D NAD G . 9.80 -20.09 -1.78
H2N NAD G . 10.30 -22.00 1.24
H71N NAD G . 10.48 -23.36 2.78
H72N NAD G . 10.13 -23.66 4.30
H4N NAD G . 6.47 -21.30 2.52
H5N NAD G . 5.97 -20.26 0.46
H6N NAD G . 7.63 -20.09 -1.21
P 13P H . 10.08 -19.53 5.83
O1P 13P H . 8.68 -20.06 5.71
O2P 13P H . 10.39 -19.61 7.30
O3P 13P H . 11.01 -20.39 5.04
O1 13P H . 10.20 -18.02 5.32
C1 13P H . 11.22 -17.65 4.42
C2 13P H . 10.92 -18.21 3.04
O2 13P H . 11.80 -18.49 2.24
C3 13P H . 9.49 -18.44 2.63
O3 13P H . 9.44 -18.37 1.21
H11 13P H . 12.08 -17.99 4.74
H12 13P H . 11.26 -16.66 4.37
H31 13P H . 8.92 -17.74 3.01
H32 13P H . 9.20 -19.32 2.93
HO3 13P H . 10.26 -18.21 0.88
MG MG I . -33.02 -39.04 -28.55
#